data_9EHT
#
_entry.id   9EHT
#
_cell.length_a   81.500
_cell.length_b   93.160
_cell.length_c   89.910
_cell.angle_alpha   90.00
_cell.angle_beta   112.39
_cell.angle_gamma   90.00
#
_symmetry.space_group_name_H-M   'P 1 21 1'
#
loop_
_entity.id
_entity.type
_entity.pdbx_description
1 polymer 'light chain'
2 polymer 'heavy chain'
3 polymer 'Programmed cell death protein 1'
4 water water
#
loop_
_entity_poly.entity_id
_entity_poly.type
_entity_poly.pdbx_seq_one_letter_code
_entity_poly.pdbx_strand_id
1 'polypeptide(L)'
;EIVLTQSPATLSLSPGERATLSCRASESVDNYGMSFMNWFQQKPGQPPKLLIHAASNQGSGVPSRFSGSGSGTDFTLTIS
SLEPEDFAVYFCQQSKEVPYTFGGGTKVEIKRTVAAPSVFIFPPSDEQLKSGTASVVCLLNNFYPREAKVQWKVDNALQS
GNSQESVTEQDSKDSTYSLSSTLTLSKADYEKHKVYACEVTHQGLSSPVTKSFNRGEC
;
A,D
2 'polypeptide(L)'
;QVQLVQSGAEVKKPGASVKVSCKASGYSFTSYWMNWVRQAPGQGLEWIGVIHPSDSETWLDQKFKDRVTITVDKSTSTAY
MELSSLRSEDTAVYYCAREHYGTSPFAYWGQGTLVTVSSASTKGPSVFPLAPSSKSTSGGTAALGCLVKDYFPEPVTVSW
NSGALTSGVHTFPAVLQSSGLYSLSSVVTVPSSSLGTQTYICNVNHKPSNTKVDKKVEPKSCDKTHHHHHH
;
B,E
3 'polypeptide(L)'
;DSPDRPWNPPTFSPALLVVTEGDNATFTCSFSNTSESFVLNWYRMSPSNQTDKLAAFPEDRSQPGQDSRFRVTQLPNGRD
FHMSVVRARRNDSGTYLCGAISLAPKAQIKESLRAELRVTERRAE
;
F,J
#
# COMPACT_ATOMS: atom_id res chain seq x y z
N GLU A 1 4.90 -29.74 -10.89
CA GLU A 1 4.60 -29.67 -9.46
C GLU A 1 3.15 -29.26 -9.20
N ILE A 2 2.61 -29.75 -8.10
CA ILE A 2 1.25 -29.44 -7.70
C ILE A 2 1.30 -28.18 -6.85
N VAL A 3 0.68 -27.10 -7.35
CA VAL A 3 0.66 -25.82 -6.66
C VAL A 3 -0.60 -25.72 -5.82
N LEU A 4 -0.43 -25.34 -4.55
CA LEU A 4 -1.52 -25.22 -3.61
C LEU A 4 -1.80 -23.74 -3.34
N THR A 5 -3.08 -23.36 -3.42
CA THR A 5 -3.51 -21.97 -3.24
C THR A 5 -4.43 -21.90 -2.02
N GLN A 6 -4.00 -21.20 -0.98
CA GLN A 6 -4.81 -21.09 0.22
C GLN A 6 -5.56 -19.77 0.21
N SER A 7 -6.72 -19.77 0.86
CA SER A 7 -7.52 -18.55 0.97
C SER A 7 -8.43 -18.73 2.18
N PRO A 8 -8.77 -17.64 2.89
CA PRO A 8 -8.23 -16.31 2.57
C PRO A 8 -6.85 -16.19 3.18
N ALA A 9 -6.13 -15.15 2.77
CA ALA A 9 -4.79 -14.90 3.32
C ALA A 9 -4.84 -14.73 4.82
N THR A 10 -5.91 -14.08 5.33
CA THR A 10 -6.07 -13.84 6.75
C THR A 10 -7.51 -14.03 7.14
N LEU A 11 -7.74 -14.56 8.34
CA LEU A 11 -9.06 -14.68 8.93
C LEU A 11 -9.02 -13.95 10.25
N SER A 12 -9.99 -13.06 10.47
CA SER A 12 -10.08 -12.30 11.69
C SER A 12 -11.30 -12.77 12.48
N LEU A 13 -11.07 -13.50 13.57
CA LEU A 13 -12.17 -14.12 14.29
C LEU A 13 -11.95 -13.98 15.79
N SER A 14 -13.02 -14.28 16.56
CA SER A 14 -13.00 -14.23 18.01
C SER A 14 -12.96 -15.65 18.56
N PRO A 15 -12.39 -15.84 19.75
CA PRO A 15 -12.50 -17.13 20.41
C PRO A 15 -13.96 -17.55 20.46
N GLY A 16 -14.19 -18.83 20.20
CA GLY A 16 -15.53 -19.38 20.15
C GLY A 16 -16.16 -19.40 18.77
N GLU A 17 -15.60 -18.67 17.81
CA GLU A 17 -16.15 -18.67 16.48
C GLU A 17 -15.56 -19.82 15.67
N ARG A 18 -16.24 -20.11 14.56
CA ARG A 18 -15.81 -21.14 13.62
C ARG A 18 -14.89 -20.55 12.58
N ALA A 19 -13.80 -21.26 12.29
CA ALA A 19 -12.84 -20.87 11.26
C ALA A 19 -12.89 -21.89 10.15
N THR A 20 -13.03 -21.42 8.91
CA THR A 20 -13.07 -22.28 7.73
C THR A 20 -11.98 -21.81 6.76
N LEU A 21 -10.96 -22.65 6.56
CA LEU A 21 -9.81 -22.34 5.70
C LEU A 21 -9.83 -23.20 4.45
N SER A 22 -9.50 -22.61 3.29
CA SER A 22 -9.58 -23.32 2.03
C SER A 22 -8.19 -23.55 1.44
N CYS A 23 -8.02 -24.70 0.77
CA CYS A 23 -6.82 -25.03 0.03
C CYS A 23 -7.24 -25.65 -1.30
N ARG A 24 -6.84 -25.03 -2.40
CA ARG A 24 -7.12 -25.50 -3.75
C ARG A 24 -5.84 -25.98 -4.41
N ALA A 25 -5.88 -27.14 -5.04
CA ALA A 25 -4.70 -27.69 -5.71
C ALA A 25 -4.81 -27.49 -7.23
N SER A 26 -3.65 -27.28 -7.89
CA SER A 26 -3.62 -27.09 -9.34
C SER A 26 -3.97 -28.36 -10.11
N GLU A 27 -3.92 -29.52 -9.46
CA GLU A 27 -4.36 -30.79 -10.05
C GLU A 27 -4.71 -31.72 -8.91
N SER A 28 -5.35 -32.86 -9.25
CA SER A 28 -5.87 -33.68 -8.16
C SER A 28 -4.75 -34.21 -7.28
N VAL A 29 -4.95 -34.12 -5.95
CA VAL A 29 -4.25 -34.83 -4.88
C VAL A 29 -4.60 -36.29 -4.70
N ASP A 30 -5.65 -36.83 -5.34
CA ASP A 30 -6.20 -38.11 -4.90
C ASP A 30 -5.51 -39.25 -5.61
N ASN A 31 -5.45 -40.38 -4.92
CA ASN A 31 -5.01 -41.64 -5.51
C ASN A 31 -5.51 -42.77 -4.60
N TYR A 32 -5.79 -43.93 -5.21
CA TYR A 32 -6.10 -45.14 -4.45
C TYR A 32 -7.27 -44.96 -3.50
N GLY A 33 -8.24 -44.13 -3.86
CA GLY A 33 -9.39 -43.91 -3.02
C GLY A 33 -9.13 -42.99 -1.85
N MET A 34 -7.98 -42.33 -1.82
CA MET A 34 -7.60 -41.43 -0.76
C MET A 34 -7.22 -40.07 -1.33
N SER A 35 -7.13 -39.13 -0.40
CA SER A 35 -6.80 -37.72 -0.60
C SER A 35 -5.60 -37.37 0.28
N PHE A 36 -4.55 -36.88 -0.32
CA PHE A 36 -3.13 -36.88 -0.02
C PHE A 36 -2.76 -35.52 0.60
N MET A 37 -3.74 -34.88 1.22
CA MET A 37 -3.66 -33.50 1.67
C MET A 37 -3.50 -33.45 3.20
N ASN A 38 -2.52 -32.66 3.64
CA ASN A 38 -2.08 -32.58 5.01
C ASN A 38 -2.20 -31.13 5.47
N TRP A 39 -2.47 -30.94 6.75
CA TRP A 39 -2.63 -29.60 7.32
C TRP A 39 -1.77 -29.42 8.55
N PHE A 40 -1.20 -28.20 8.68
CA PHE A 40 -0.28 -27.86 9.75
C PHE A 40 -0.67 -26.55 10.42
N GLN A 41 -0.29 -26.44 11.69
CA GLN A 41 -0.37 -25.21 12.47
C GLN A 41 1.04 -24.77 12.80
N GLN A 42 1.31 -23.48 12.68
CA GLN A 42 2.64 -22.98 13.04
C GLN A 42 2.52 -21.69 13.84
N LYS A 43 3.23 -21.64 14.95
CA LYS A 43 3.36 -20.44 15.78
C LYS A 43 4.76 -19.88 15.67
N PRO A 44 4.93 -18.59 16.00
CA PRO A 44 6.25 -17.95 15.85
C PRO A 44 7.34 -18.68 16.63
N GLY A 45 8.49 -18.87 15.98
CA GLY A 45 9.63 -19.51 16.59
C GLY A 45 9.57 -21.01 16.73
N GLN A 46 8.54 -21.65 16.20
CA GLN A 46 8.32 -23.08 16.36
C GLN A 46 8.20 -23.73 14.99
N PRO A 47 8.47 -25.03 14.89
CA PRO A 47 8.19 -25.74 13.68
C PRO A 47 6.69 -25.89 13.49
N PRO A 48 6.25 -26.17 12.28
CA PRO A 48 4.86 -26.55 12.07
C PRO A 48 4.57 -27.84 12.83
N LYS A 49 3.29 -28.02 13.16
CA LYS A 49 2.78 -29.23 13.80
C LYS A 49 1.68 -29.83 12.93
N LEU A 50 1.75 -31.16 12.69
CA LEU A 50 0.72 -31.74 11.84
C LEU A 50 -0.61 -31.83 12.58
N LEU A 51 -1.69 -31.25 12.03
CA LEU A 51 -3.03 -31.58 12.49
C LEU A 51 -3.83 -32.67 11.79
N ILE A 52 -3.67 -32.77 10.47
CA ILE A 52 -4.55 -33.60 9.64
C ILE A 52 -3.69 -34.31 8.62
N HIS A 53 -3.95 -35.60 8.38
CA HIS A 53 -3.40 -36.28 7.22
C HIS A 53 -4.51 -37.06 6.52
N ALA A 54 -4.27 -37.26 5.24
CA ALA A 54 -5.08 -37.99 4.23
C ALA A 54 -6.44 -37.36 4.28
N ALA A 55 -6.41 -36.13 4.59
CA ALA A 55 -6.98 -34.86 4.52
C ALA A 55 -8.36 -34.96 5.07
N SER A 56 -8.95 -35.88 5.89
CA SER A 56 -9.65 -35.89 7.16
C SER A 56 -9.15 -36.65 8.38
N ASN A 57 -7.98 -37.24 8.37
CA ASN A 57 -7.61 -38.01 9.54
C ASN A 57 -6.82 -37.15 10.48
N GLN A 58 -6.83 -37.48 11.76
CA GLN A 58 -6.15 -36.62 12.73
C GLN A 58 -4.76 -37.14 13.06
N GLY A 59 -3.86 -36.22 13.36
CA GLY A 59 -2.61 -36.59 13.98
C GLY A 59 -2.81 -36.91 15.46
N SER A 60 -1.74 -37.37 16.12
CA SER A 60 -1.87 -37.72 17.54
C SER A 60 -2.08 -36.50 18.41
N GLY A 61 -3.03 -36.63 19.35
CA GLY A 61 -3.30 -35.55 20.29
C GLY A 61 -3.90 -34.29 19.70
N VAL A 62 -4.41 -34.33 18.49
CA VAL A 62 -5.01 -33.12 17.93
C VAL A 62 -6.43 -32.98 18.47
N PRO A 63 -6.81 -31.81 19.00
CA PRO A 63 -8.15 -31.66 19.57
C PRO A 63 -9.26 -31.93 18.55
N SER A 64 -10.41 -32.35 19.09
CA SER A 64 -11.57 -32.71 18.28
C SER A 64 -12.03 -31.58 17.37
N ARG A 65 -11.88 -30.34 17.79
CA ARG A 65 -12.38 -29.20 17.01
C ARG A 65 -11.70 -29.04 15.66
N PHE A 66 -10.54 -29.65 15.42
CA PHE A 66 -9.87 -29.55 14.12
C PHE A 66 -10.39 -30.67 13.22
N SER A 67 -10.90 -30.31 12.03
CA SER A 67 -11.34 -31.33 11.08
C SER A 67 -10.96 -30.91 9.67
N GLY A 68 -10.70 -31.90 8.84
CA GLY A 68 -10.38 -31.66 7.44
C GLY A 68 -11.41 -32.34 6.54
N SER A 69 -11.63 -31.76 5.36
CA SER A 69 -12.59 -32.31 4.42
C SER A 69 -12.15 -31.93 3.02
N GLY A 70 -12.84 -32.48 2.02
CA GLY A 70 -12.56 -32.23 0.62
C GLY A 70 -11.95 -33.45 -0.08
N SER A 71 -11.77 -33.29 -1.39
CA SER A 71 -11.25 -34.34 -2.28
C SER A 71 -10.82 -33.68 -3.58
N GLY A 72 -10.09 -34.41 -4.41
CA GLY A 72 -9.73 -33.84 -5.71
C GLY A 72 -8.89 -32.62 -5.50
N THR A 73 -9.36 -31.46 -5.92
CA THR A 73 -8.54 -30.27 -5.90
C THR A 73 -9.02 -29.25 -4.87
N ASP A 74 -10.05 -29.56 -4.10
CA ASP A 74 -10.58 -28.56 -3.17
C ASP A 74 -10.70 -29.14 -1.76
N PHE A 75 -10.04 -28.49 -0.79
CA PHE A 75 -9.95 -28.96 0.58
C PHE A 75 -10.25 -27.84 1.55
N THR A 76 -10.61 -28.24 2.77
CA THR A 76 -11.01 -27.32 3.81
C THR A 76 -10.50 -27.81 5.15
N LEU A 77 -10.01 -26.88 5.96
CA LEU A 77 -9.71 -27.11 7.37
C LEU A 77 -10.70 -26.28 8.17
N THR A 78 -11.36 -26.92 9.13
CA THR A 78 -12.37 -26.29 9.95
C THR A 78 -11.93 -26.35 11.41
N ILE A 79 -12.03 -25.22 12.13
CA ILE A 79 -11.89 -25.24 13.58
C ILE A 79 -13.24 -24.84 14.13
N SER A 80 -13.96 -25.80 14.71
CA SER A 80 -15.36 -25.48 14.93
C SER A 80 -15.61 -24.47 16.05
N SER A 81 -14.80 -24.45 17.11
CA SER A 81 -14.83 -23.40 18.12
C SER A 81 -13.40 -22.97 18.37
N LEU A 82 -13.07 -21.76 18.02
CA LEU A 82 -11.70 -21.27 18.24
C LEU A 82 -11.35 -21.16 19.73
N GLU A 83 -10.17 -21.63 20.10
CA GLU A 83 -9.56 -21.37 21.42
C GLU A 83 -8.44 -20.35 21.27
N PRO A 84 -8.11 -19.61 22.33
CA PRO A 84 -7.03 -18.61 22.22
C PRO A 84 -5.74 -19.17 21.66
N GLU A 85 -5.42 -20.43 21.97
CA GLU A 85 -4.18 -21.02 21.47
C GLU A 85 -4.24 -21.41 19.99
N ASP A 86 -5.37 -21.22 19.31
CA ASP A 86 -5.53 -21.54 17.91
C ASP A 86 -5.14 -20.41 16.98
N PHE A 87 -4.92 -19.20 17.50
CA PHE A 87 -4.53 -18.13 16.57
C PHE A 87 -3.06 -18.31 16.20
N ALA A 88 -2.88 -18.63 14.92
CA ALA A 88 -1.69 -19.24 14.35
C ALA A 88 -1.72 -19.06 12.84
N VAL A 89 -0.66 -19.48 12.18
CA VAL A 89 -0.69 -19.65 10.73
C VAL A 89 -0.88 -21.13 10.40
N TYR A 90 -1.72 -21.40 9.39
CA TYR A 90 -2.08 -22.77 9.00
C TYR A 90 -1.68 -23.00 7.56
N PHE A 91 -1.06 -24.15 7.29
CA PHE A 91 -0.57 -24.48 5.96
C PHE A 91 -1.21 -25.78 5.52
N CYS A 92 -1.51 -25.87 4.22
CA CYS A 92 -1.84 -27.17 3.65
C CYS A 92 -0.63 -27.67 2.87
N GLN A 93 -0.59 -28.99 2.66
CA GLN A 93 0.56 -29.56 1.95
C GLN A 93 0.14 -30.88 1.31
N GLN A 94 0.57 -31.13 0.07
CA GLN A 94 0.18 -32.38 -0.54
C GLN A 94 1.34 -33.38 -0.55
N SER A 95 0.98 -34.66 -0.40
CA SER A 95 1.91 -35.79 -0.53
C SER A 95 1.60 -36.75 -1.67
N LYS A 96 0.78 -36.38 -2.65
CA LYS A 96 0.50 -37.30 -3.74
C LYS A 96 1.74 -37.50 -4.60
N GLU A 97 2.51 -36.43 -4.80
CA GLU A 97 3.66 -36.46 -5.67
C GLU A 97 4.82 -35.73 -5.02
N VAL A 98 6.03 -36.07 -5.44
CA VAL A 98 7.17 -35.19 -5.17
C VAL A 98 7.35 -34.34 -6.41
N PRO A 99 7.78 -33.09 -6.27
CA PRO A 99 8.13 -32.50 -4.98
C PRO A 99 6.94 -32.28 -4.07
N TYR A 100 7.14 -32.52 -2.78
CA TYR A 100 6.09 -32.19 -1.82
C TYR A 100 5.96 -30.68 -1.78
N THR A 101 4.72 -30.17 -1.79
CA THR A 101 4.51 -28.74 -1.88
C THR A 101 3.55 -28.26 -0.79
N PHE A 102 3.70 -26.97 -0.43
CA PHE A 102 2.92 -26.31 0.60
C PHE A 102 2.12 -25.16 0.01
N GLY A 103 0.97 -24.88 0.61
CA GLY A 103 0.29 -23.64 0.33
C GLY A 103 1.05 -22.50 1.00
N GLY A 104 0.62 -21.28 0.70
CA GLY A 104 1.25 -20.07 1.22
C GLY A 104 0.87 -19.70 2.64
N GLY A 105 -0.10 -20.40 3.23
CA GLY A 105 -0.46 -20.09 4.59
C GLY A 105 -1.66 -19.17 4.72
N THR A 106 -2.41 -19.37 5.81
CA THR A 106 -3.54 -18.52 6.19
C THR A 106 -3.31 -18.18 7.65
N LYS A 107 -3.25 -16.88 7.96
CA LYS A 107 -3.06 -16.42 9.33
C LYS A 107 -4.42 -16.23 9.99
N VAL A 108 -4.65 -16.90 11.11
CA VAL A 108 -5.89 -16.73 11.86
C VAL A 108 -5.56 -15.81 13.02
N GLU A 109 -6.05 -14.57 12.95
CA GLU A 109 -5.73 -13.51 13.90
C GLU A 109 -6.97 -13.09 14.69
N ILE A 110 -6.73 -12.37 15.79
CA ILE A 110 -7.76 -12.06 16.76
C ILE A 110 -8.52 -10.81 16.34
N LYS A 111 -9.82 -10.95 16.17
CA LYS A 111 -10.70 -9.84 15.85
C LYS A 111 -10.96 -9.00 17.09
N ARG A 112 -10.97 -7.68 16.89
CA ARG A 112 -11.26 -6.70 17.93
C ARG A 112 -11.81 -5.47 17.22
N THR A 113 -12.27 -4.50 18.01
CA THR A 113 -12.85 -3.32 17.38
C THR A 113 -11.78 -2.47 16.70
N VAL A 114 -12.23 -1.64 15.76
CA VAL A 114 -11.28 -0.83 15.01
C VAL A 114 -10.59 0.12 15.97
N ALA A 115 -9.29 0.30 15.77
CA ALA A 115 -8.49 1.23 16.55
C ALA A 115 -7.59 2.01 15.60
N ALA A 116 -7.77 3.34 15.57
CA ALA A 116 -6.90 4.14 14.70
C ALA A 116 -5.49 4.17 15.28
N PRO A 117 -4.47 4.29 14.44
CA PRO A 117 -3.12 4.45 14.99
C PRO A 117 -2.95 5.84 15.57
N SER A 118 -2.15 5.90 16.63
CA SER A 118 -1.61 7.17 17.12
C SER A 118 -0.29 7.36 16.41
N VAL A 119 -0.13 8.51 15.72
CA VAL A 119 1.01 8.69 14.82
C VAL A 119 1.98 9.68 15.46
N PHE A 120 3.26 9.33 15.42
CA PHE A 120 4.33 10.16 15.99
C PHE A 120 5.47 10.23 15.00
N ILE A 121 6.10 11.40 14.87
CA ILE A 121 7.25 11.52 13.99
C ILE A 121 8.46 11.94 14.81
N PHE A 122 9.62 11.37 14.47
CA PHE A 122 10.87 11.62 15.19
C PHE A 122 11.94 12.10 14.22
N PRO A 123 12.44 13.32 14.39
CA PRO A 123 13.56 13.80 13.56
C PRO A 123 14.83 13.05 13.91
N PRO A 124 15.83 13.10 13.04
CA PRO A 124 17.11 12.48 13.37
C PRO A 124 17.76 13.24 14.53
N SER A 125 18.53 12.50 15.33
CA SER A 125 19.25 13.09 16.44
C SER A 125 20.47 13.84 15.93
N ASP A 126 20.91 14.83 16.70
CA ASP A 126 22.12 15.55 16.36
C ASP A 126 23.32 14.62 16.30
N GLU A 127 23.38 13.64 17.20
CA GLU A 127 24.51 12.72 17.23
C GLU A 127 24.56 11.87 15.95
N GLN A 128 23.41 11.39 15.47
CA GLN A 128 23.44 10.65 14.21
C GLN A 128 23.83 11.55 13.05
N LEU A 129 23.31 12.78 13.02
CA LEU A 129 23.66 13.67 11.91
C LEU A 129 25.17 13.89 11.83
N LYS A 130 25.84 13.98 12.98
CA LYS A 130 27.29 14.19 12.97
C LYS A 130 28.02 13.04 12.30
N SER A 131 27.43 11.85 12.32
CA SER A 131 28.00 10.65 11.73
C SER A 131 27.72 10.57 10.22
N GLY A 132 26.93 11.51 9.68
CA GLY A 132 26.70 11.62 8.25
C GLY A 132 25.44 10.99 7.70
N THR A 133 24.50 10.58 8.55
CA THR A 133 23.27 9.93 8.13
C THR A 133 22.12 10.52 8.92
N ALA A 134 20.93 10.52 8.31
CA ALA A 134 19.70 10.97 8.95
C ALA A 134 18.66 9.88 8.84
N SER A 135 18.22 9.36 9.98
CA SER A 135 17.08 8.43 10.02
C SER A 135 15.90 9.18 10.62
N VAL A 136 14.80 9.19 9.89
CA VAL A 136 13.55 9.81 10.31
C VAL A 136 12.57 8.68 10.56
N VAL A 137 11.97 8.65 11.75
CA VAL A 137 11.13 7.54 12.16
C VAL A 137 9.70 8.00 12.31
N CYS A 138 8.77 7.22 11.77
CA CYS A 138 7.34 7.44 11.93
C CYS A 138 6.74 6.24 12.64
N LEU A 139 6.10 6.48 13.76
CA LEU A 139 5.51 5.43 14.58
C LEU A 139 3.99 5.47 14.47
N LEU A 140 3.39 4.30 14.21
CA LEU A 140 1.96 4.06 14.20
C LEU A 140 1.71 3.13 15.36
N ASN A 141 1.08 3.63 16.40
CA ASN A 141 1.00 2.93 17.68
C ASN A 141 -0.40 2.37 17.89
N ASN A 142 -0.45 1.08 18.30
CA ASN A 142 -1.70 0.46 18.80
C ASN A 142 -2.94 0.54 17.91
N PHE A 143 -2.82 0.08 16.65
CA PHE A 143 -3.98 0.16 15.78
C PHE A 143 -4.48 -1.22 15.35
N TYR A 144 -5.73 -1.24 14.87
CA TYR A 144 -6.35 -2.50 14.38
C TYR A 144 -7.36 -2.08 13.33
N PRO A 145 -7.53 -2.82 12.24
CA PRO A 145 -6.78 -4.01 11.83
C PRO A 145 -5.40 -3.66 11.27
N ARG A 146 -4.70 -4.68 10.82
CA ARG A 146 -3.28 -4.55 10.48
C ARG A 146 -3.03 -3.65 9.27
N GLU A 147 -3.94 -3.62 8.29
CA GLU A 147 -3.69 -2.90 7.06
C GLU A 147 -3.47 -1.42 7.32
N ALA A 148 -2.33 -0.91 6.85
CA ALA A 148 -2.02 0.50 7.03
C ALA A 148 -1.07 0.90 5.92
N LYS A 149 -1.10 2.19 5.57
CA LYS A 149 -0.22 2.69 4.51
C LYS A 149 0.50 3.91 5.03
N VAL A 150 1.82 3.90 4.92
CA VAL A 150 2.66 5.01 5.36
C VAL A 150 3.40 5.53 4.15
N GLN A 151 3.27 6.83 3.90
CA GLN A 151 3.97 7.49 2.79
C GLN A 151 4.81 8.63 3.33
N TRP A 152 6.02 8.74 2.82
CA TRP A 152 6.93 9.82 3.19
C TRP A 152 6.92 10.89 2.11
N LYS A 153 6.76 12.15 2.53
CA LYS A 153 6.78 13.28 1.61
C LYS A 153 7.81 14.28 2.11
N VAL A 154 8.73 14.67 1.23
CA VAL A 154 9.81 15.60 1.58
C VAL A 154 9.65 16.82 0.67
N ASP A 155 9.34 17.98 1.27
CA ASP A 155 9.00 19.21 0.52
C ASP A 155 7.92 18.89 -0.52
N ASN A 156 6.98 18.06 -0.09
CA ASN A 156 5.82 17.50 -0.76
C ASN A 156 6.17 16.63 -1.94
N ALA A 157 7.36 16.05 -2.01
CA ALA A 157 7.69 15.02 -3.00
C ALA A 157 7.47 13.63 -2.40
N LEU A 158 6.65 12.80 -3.04
CA LEU A 158 6.50 11.43 -2.54
C LEU A 158 7.82 10.67 -2.68
N GLN A 159 8.23 10.01 -1.59
CA GLN A 159 9.48 9.24 -1.54
C GLN A 159 9.22 7.79 -1.93
N SER A 160 10.23 7.17 -2.53
CA SER A 160 10.11 5.75 -2.84
C SER A 160 11.49 5.10 -2.77
N GLY A 161 11.53 3.91 -2.17
CA GLY A 161 12.72 3.06 -2.09
C GLY A 161 13.71 3.40 -1.00
N ASN A 162 13.49 4.46 -0.21
CA ASN A 162 14.41 4.91 0.84
C ASN A 162 13.84 4.73 2.24
N SER A 163 12.84 3.86 2.40
CA SER A 163 12.25 3.62 3.71
C SER A 163 12.01 2.13 3.89
N GLN A 164 11.98 1.71 5.16
CA GLN A 164 11.72 0.32 5.57
C GLN A 164 10.73 0.32 6.73
N GLU A 165 9.84 -0.68 6.74
CA GLU A 165 8.82 -0.82 7.77
C GLU A 165 9.02 -2.08 8.60
N SER A 166 8.58 -2.01 9.85
CA SER A 166 8.61 -3.13 10.79
C SER A 166 7.32 -3.14 11.58
N VAL A 167 6.75 -4.32 11.82
CA VAL A 167 5.45 -4.44 12.51
C VAL A 167 5.57 -5.44 13.65
N THR A 168 4.92 -5.11 14.76
CA THR A 168 4.90 -6.05 15.88
C THR A 168 3.84 -7.13 15.65
N GLU A 169 3.95 -8.20 16.44
CA GLU A 169 2.88 -9.20 16.46
C GLU A 169 1.72 -8.66 17.27
N GLN A 170 0.54 -9.23 17.04
CA GLN A 170 -0.65 -8.76 17.73
C GLN A 170 -0.42 -8.72 19.25
N ASP A 171 -0.73 -7.56 19.87
CA ASP A 171 -0.44 -7.43 21.29
C ASP A 171 -1.21 -8.44 22.13
N SER A 172 -0.52 -9.03 23.12
CA SER A 172 -1.26 -10.01 23.90
C SER A 172 -2.34 -9.40 24.79
N LYS A 173 -2.21 -8.13 25.23
CA LYS A 173 -3.33 -7.62 25.99
C LYS A 173 -4.48 -6.97 25.22
N ASP A 174 -4.18 -6.14 24.22
CA ASP A 174 -5.25 -5.44 23.51
C ASP A 174 -5.43 -5.81 22.05
N SER A 175 -4.65 -6.74 21.54
CA SER A 175 -4.78 -7.33 20.21
C SER A 175 -4.59 -6.29 19.10
N THR A 176 -3.87 -5.21 19.39
CA THR A 176 -3.43 -4.21 18.42
C THR A 176 -2.09 -4.57 17.77
N TYR A 177 -1.81 -3.85 16.70
CA TYR A 177 -0.51 -3.86 16.05
C TYR A 177 0.13 -2.48 16.20
N SER A 178 1.46 -2.46 16.09
CA SER A 178 2.20 -1.21 16.01
C SER A 178 3.21 -1.32 14.87
N LEU A 179 3.57 -0.18 14.29
CA LEU A 179 4.41 -0.23 13.11
C LEU A 179 5.36 0.95 13.12
N SER A 180 6.57 0.70 12.66
CA SER A 180 7.55 1.76 12.46
C SER A 180 7.90 1.87 10.99
N SER A 181 8.07 3.09 10.51
CA SER A 181 8.57 3.35 9.16
C SER A 181 9.78 4.26 9.33
N THR A 182 10.91 3.86 8.77
CA THR A 182 12.15 4.61 8.94
C THR A 182 12.62 5.05 7.56
N LEU A 183 12.71 6.37 7.37
CA LEU A 183 13.25 7.00 6.17
C LEU A 183 14.73 7.31 6.41
N THR A 184 15.61 6.82 5.54
CA THR A 184 17.05 6.99 5.72
C THR A 184 17.63 7.76 4.56
N LEU A 185 18.34 8.85 4.87
CA LEU A 185 18.95 9.70 3.86
C LEU A 185 20.37 10.02 4.31
N SER A 186 21.24 10.31 3.36
CA SER A 186 22.53 10.83 3.78
C SER A 186 22.33 12.21 4.37
N LYS A 187 23.29 12.65 5.19
CA LYS A 187 23.19 14.00 5.75
C LYS A 187 23.13 15.05 4.65
N ALA A 188 23.91 14.86 3.59
CA ALA A 188 23.89 15.80 2.48
C ALA A 188 22.52 15.86 1.83
N ASP A 189 21.89 14.71 1.59
CA ASP A 189 20.56 14.73 1.01
C ASP A 189 19.56 15.31 1.98
N TYR A 190 19.67 14.96 3.27
CA TYR A 190 18.76 15.47 4.29
C TYR A 190 18.78 17.00 4.31
N GLU A 191 19.96 17.60 4.22
CA GLU A 191 20.04 19.06 4.28
C GLU A 191 19.59 19.73 3.00
N LYS A 192 19.27 18.96 1.95
CA LYS A 192 18.73 19.59 0.74
C LYS A 192 17.24 19.90 0.81
N HIS A 193 16.47 19.41 1.79
CA HIS A 193 15.10 19.91 1.85
C HIS A 193 14.69 20.32 3.26
N LYS A 194 13.60 21.12 3.34
CA LYS A 194 13.09 21.51 4.65
C LYS A 194 12.02 20.71 5.39
N VAL A 195 10.99 20.25 4.69
CA VAL A 195 9.83 19.67 5.38
C VAL A 195 9.84 18.16 5.24
N TYR A 196 9.81 17.46 6.36
CA TYR A 196 9.75 16.00 6.37
C TYR A 196 8.38 15.59 6.90
N ALA A 197 7.62 14.81 6.14
CA ALA A 197 6.27 14.49 6.58
C ALA A 197 6.00 13.00 6.40
N CYS A 198 5.26 12.45 7.36
CA CYS A 198 4.77 11.08 7.36
C CYS A 198 3.25 11.15 7.20
N GLU A 199 2.71 10.50 6.16
CA GLU A 199 1.27 10.49 5.88
C GLU A 199 0.72 9.09 6.09
N VAL A 200 -0.21 8.94 7.03
CA VAL A 200 -0.71 7.64 7.45
C VAL A 200 -2.15 7.44 7.00
N THR A 201 -2.40 6.33 6.30
CA THR A 201 -3.75 5.94 5.89
C THR A 201 -4.15 4.67 6.63
N HIS A 202 -5.32 4.68 7.26
CA HIS A 202 -5.84 3.54 8.02
C HIS A 202 -7.35 3.69 8.10
N GLN A 203 -8.10 2.56 8.08
CA GLN A 203 -9.56 2.66 8.02
C GLN A 203 -10.14 3.35 9.26
N GLY A 204 -9.42 3.39 10.37
CA GLY A 204 -9.86 4.06 11.57
C GLY A 204 -9.68 5.56 11.54
N LEU A 205 -9.10 6.06 10.44
CA LEU A 205 -8.88 7.50 10.24
C LEU A 205 -9.75 7.99 9.07
N SER A 206 -10.73 8.86 9.37
CA SER A 206 -11.61 9.40 8.33
C SER A 206 -10.82 10.19 7.31
N SER A 207 -9.80 10.89 7.76
CA SER A 207 -8.84 11.57 6.92
C SER A 207 -7.45 11.05 7.27
N PRO A 208 -6.58 10.87 6.29
CA PRO A 208 -5.23 10.42 6.60
C PRO A 208 -4.56 11.45 7.49
N VAL A 209 -3.64 10.97 8.33
CA VAL A 209 -2.96 11.81 9.30
C VAL A 209 -1.58 12.16 8.76
N THR A 210 -1.25 13.44 8.76
CA THR A 210 0.08 13.92 8.38
C THR A 210 0.76 14.45 9.63
N LYS A 211 1.97 13.97 9.89
CA LYS A 211 2.82 14.48 10.94
C LYS A 211 4.10 14.95 10.27
N SER A 212 4.55 16.14 10.63
CA SER A 212 5.68 16.71 9.88
C SER A 212 6.52 17.59 10.81
N PHE A 213 7.71 17.93 10.32
CA PHE A 213 8.58 18.86 11.02
C PHE A 213 9.46 19.54 9.96
N ASN A 214 9.98 20.71 10.36
CA ASN A 214 10.92 21.49 9.54
C ASN A 214 12.33 21.15 10.02
N ARG A 215 13.19 20.73 9.10
CA ARG A 215 14.57 20.44 9.48
C ARG A 215 15.23 21.70 10.02
N GLY A 216 16.02 21.52 11.08
CA GLY A 216 16.68 22.65 11.72
C GLY A 216 15.80 23.26 12.80
N GLN B 1 8.99 -41.29 23.13
CA GLN B 1 8.57 -40.20 22.24
C GLN B 1 9.56 -39.99 21.09
N VAL B 2 9.02 -39.79 19.88
CA VAL B 2 9.85 -39.47 18.73
C VAL B 2 10.45 -38.09 18.92
N GLN B 3 11.77 -37.99 18.80
CA GLN B 3 12.45 -36.72 18.99
C GLN B 3 13.43 -36.52 17.83
N LEU B 4 13.47 -35.29 17.30
CA LEU B 4 14.42 -34.92 16.26
C LEU B 4 15.12 -33.67 16.75
N VAL B 5 16.42 -33.76 17.04
CA VAL B 5 17.12 -32.64 17.64
C VAL B 5 18.20 -32.17 16.66
N GLN B 6 18.08 -30.96 16.19
CA GLN B 6 19.00 -30.40 15.23
C GLN B 6 20.19 -29.70 15.86
N SER B 7 21.22 -29.50 15.06
CA SER B 7 22.36 -28.72 15.47
C SER B 7 22.00 -27.23 15.55
N GLY B 8 22.92 -26.44 16.14
CA GLY B 8 22.68 -25.04 16.44
C GLY B 8 22.77 -24.08 15.26
N ALA B 9 22.40 -22.83 15.56
CA ALA B 9 22.40 -21.76 14.55
C ALA B 9 23.80 -21.57 13.99
N GLU B 10 23.83 -21.20 12.70
CA GLU B 10 25.09 -21.01 12.00
C GLU B 10 25.08 -19.68 11.29
N VAL B 11 26.25 -19.02 11.23
CA VAL B 11 26.42 -17.80 10.45
C VAL B 11 27.52 -18.10 9.44
N LYS B 12 27.23 -17.93 8.16
CA LYS B 12 28.12 -18.37 7.09
C LYS B 12 28.31 -17.25 6.08
N LYS B 13 29.51 -17.18 5.48
CA LYS B 13 29.74 -16.22 4.41
C LYS B 13 29.25 -16.78 3.07
N PRO B 14 28.87 -15.91 2.13
CA PRO B 14 28.50 -16.41 0.80
C PRO B 14 29.65 -17.21 0.19
N GLY B 15 29.28 -18.28 -0.52
CA GLY B 15 30.27 -19.20 -1.09
C GLY B 15 30.60 -20.38 -0.20
N ALA B 16 30.33 -20.29 1.10
CA ALA B 16 30.62 -21.33 2.09
C ALA B 16 29.58 -22.44 2.01
N SER B 17 29.84 -23.53 2.75
CA SER B 17 28.90 -24.62 2.88
C SER B 17 28.48 -24.75 4.33
N VAL B 18 27.29 -25.33 4.56
CA VAL B 18 26.81 -25.58 5.91
C VAL B 18 26.29 -27.01 5.95
N LYS B 19 26.58 -27.72 7.04
CA LYS B 19 26.14 -29.10 7.23
C LYS B 19 25.34 -29.17 8.52
N VAL B 20 24.03 -29.38 8.40
CA VAL B 20 23.10 -29.36 9.53
C VAL B 20 22.86 -30.79 9.98
N SER B 21 22.86 -31.02 11.31
CA SER B 21 22.58 -32.35 11.85
C SER B 21 21.13 -32.43 12.29
N CYS B 22 20.56 -33.64 12.18
CA CYS B 22 19.31 -33.96 12.86
C CYS B 22 19.52 -35.29 13.55
N LYS B 23 19.51 -35.27 14.87
CA LYS B 23 19.66 -36.47 15.69
C LYS B 23 18.29 -37.06 15.98
N ALA B 24 18.05 -38.31 15.58
CA ALA B 24 16.75 -38.92 15.79
C ALA B 24 16.79 -39.89 16.96
N SER B 25 15.71 -39.93 17.73
CA SER B 25 15.63 -40.85 18.85
C SER B 25 14.18 -41.21 19.08
N GLY B 26 13.98 -42.31 19.83
CA GLY B 26 12.66 -42.75 20.19
C GLY B 26 11.96 -43.63 19.20
N TYR B 27 12.64 -44.09 18.15
CA TYR B 27 12.04 -44.93 17.12
C TYR B 27 13.18 -45.58 16.34
N SER B 28 12.83 -46.53 15.46
CA SER B 28 13.85 -47.20 14.68
C SER B 28 14.20 -46.33 13.49
N PHE B 29 15.40 -45.74 13.55
CA PHE B 29 15.87 -44.76 12.59
C PHE B 29 15.78 -45.20 11.14
N THR B 30 16.13 -46.45 10.86
CA THR B 30 16.25 -46.89 9.47
C THR B 30 14.90 -47.24 8.84
N SER B 31 13.79 -47.10 9.56
CA SER B 31 12.52 -47.54 9.03
C SER B 31 11.66 -46.41 8.47
N TYR B 32 12.10 -45.15 8.57
CA TYR B 32 11.25 -44.03 8.16
C TYR B 32 12.02 -43.02 7.33
N TRP B 33 11.40 -42.54 6.24
CA TRP B 33 11.96 -41.45 5.46
C TRP B 33 12.21 -40.23 6.33
N MET B 34 13.33 -39.55 6.07
CA MET B 34 13.66 -38.29 6.74
C MET B 34 13.73 -37.19 5.70
N ASN B 35 12.90 -36.17 5.87
CA ASN B 35 12.79 -35.07 4.92
C ASN B 35 13.53 -33.84 5.45
N TRP B 36 13.87 -32.96 4.53
CA TRP B 36 14.42 -31.64 4.85
C TRP B 36 13.59 -30.56 4.17
N VAL B 37 13.28 -29.50 4.93
CA VAL B 37 12.39 -28.41 4.51
C VAL B 37 13.00 -27.13 5.05
N ARG B 38 12.89 -26.03 4.31
CA ARG B 38 13.35 -24.76 4.87
C ARG B 38 12.27 -23.70 4.81
N GLN B 39 12.44 -22.66 5.62
CA GLN B 39 11.52 -21.54 5.64
C GLN B 39 12.30 -20.25 5.76
N ALA B 40 12.14 -19.35 4.81
CA ALA B 40 12.79 -18.06 4.91
C ALA B 40 12.04 -17.20 5.92
N PRO B 41 12.71 -16.19 6.50
CA PRO B 41 12.03 -15.32 7.48
C PRO B 41 10.72 -14.74 6.94
N GLY B 42 9.63 -14.95 7.69
CA GLY B 42 8.29 -14.49 7.31
C GLY B 42 7.74 -15.04 6.02
N GLN B 43 8.27 -16.17 5.58
CA GLN B 43 8.11 -16.79 4.27
C GLN B 43 7.51 -18.17 4.49
N GLY B 44 7.05 -18.75 3.39
CA GLY B 44 6.47 -20.07 3.43
C GLY B 44 7.53 -21.18 3.30
N LEU B 45 7.04 -22.40 3.26
CA LEU B 45 7.84 -23.59 3.46
C LEU B 45 8.22 -24.24 2.12
N GLU B 46 9.48 -24.71 2.02
CA GLU B 46 10.03 -25.21 0.76
C GLU B 46 10.68 -26.57 0.99
N TRP B 47 10.21 -27.62 0.29
CA TRP B 47 10.88 -28.90 0.52
C TRP B 47 12.23 -28.92 -0.18
N ILE B 48 13.26 -29.40 0.52
CA ILE B 48 14.57 -29.64 -0.08
C ILE B 48 14.77 -31.02 -0.67
N GLY B 49 14.44 -32.05 0.11
CA GLY B 49 14.72 -33.42 -0.32
C GLY B 49 14.40 -34.41 0.77
N VAL B 50 14.67 -35.69 0.48
CA VAL B 50 14.34 -36.76 1.41
C VAL B 50 15.36 -37.89 1.30
N ILE B 51 15.59 -38.60 2.41
CA ILE B 51 16.49 -39.75 2.36
C ILE B 51 15.85 -40.89 3.15
N HIS B 52 15.98 -42.12 2.64
CA HIS B 52 15.57 -43.24 3.47
C HIS B 52 16.81 -43.80 4.14
N PRO B 53 16.89 -43.79 5.48
CA PRO B 53 18.17 -44.15 6.10
C PRO B 53 18.57 -45.59 5.92
N SER B 54 17.64 -46.52 5.65
CA SER B 54 18.07 -47.91 5.52
C SER B 54 19.13 -48.09 4.44
N ASP B 55 18.85 -47.61 3.23
CA ASP B 55 19.84 -47.69 2.14
C ASP B 55 20.34 -46.34 1.61
N SER B 56 19.99 -45.24 2.26
CA SER B 56 20.37 -43.88 1.83
C SER B 56 19.82 -43.54 0.43
N GLU B 57 18.68 -44.12 0.04
CA GLU B 57 18.01 -43.68 -1.18
C GLU B 57 17.58 -42.23 -1.02
N THR B 58 17.93 -41.39 -2.00
CA THR B 58 17.74 -39.95 -1.86
C THR B 58 17.01 -39.36 -3.04
N TRP B 59 16.06 -38.45 -2.76
CA TRP B 59 15.32 -37.71 -3.77
C TRP B 59 15.41 -36.22 -3.42
N LEU B 60 15.86 -35.41 -4.36
CA LEU B 60 16.06 -33.99 -4.10
C LEU B 60 15.14 -33.19 -4.99
N ASP B 61 14.63 -32.07 -4.47
CA ASP B 61 13.92 -31.13 -5.31
C ASP B 61 14.88 -30.58 -6.37
N GLN B 62 14.36 -30.42 -7.59
CA GLN B 62 15.20 -29.93 -8.67
C GLN B 62 15.92 -28.64 -8.32
N LYS B 63 15.31 -27.78 -7.48
CA LYS B 63 15.95 -26.52 -7.14
C LYS B 63 17.26 -26.71 -6.40
N PHE B 64 17.42 -27.84 -5.71
CA PHE B 64 18.61 -28.08 -4.90
C PHE B 64 19.50 -29.21 -5.40
N LYS B 65 19.18 -29.80 -6.57
CA LYS B 65 19.88 -31.00 -7.00
C LYS B 65 21.39 -30.81 -7.06
N ASP B 66 21.88 -29.62 -7.41
CA ASP B 66 23.31 -29.51 -7.51
C ASP B 66 24.02 -28.80 -6.37
N ARG B 67 23.31 -28.30 -5.34
CA ARG B 67 23.98 -27.80 -4.15
C ARG B 67 23.77 -28.56 -2.86
N VAL B 68 22.93 -29.58 -2.83
CA VAL B 68 22.54 -30.24 -1.57
C VAL B 68 23.03 -31.67 -1.59
N THR B 69 23.55 -32.14 -0.45
CA THR B 69 23.86 -33.53 -0.21
C THR B 69 23.17 -33.94 1.07
N ILE B 70 22.30 -34.95 1.01
CA ILE B 70 21.64 -35.49 2.18
C ILE B 70 22.22 -36.87 2.46
N THR B 71 22.60 -37.11 3.72
CA THR B 71 23.28 -38.33 4.15
C THR B 71 22.74 -38.74 5.52
N VAL B 72 23.11 -39.95 5.94
CA VAL B 72 22.78 -40.42 7.29
C VAL B 72 23.99 -41.13 7.84
N ASP B 73 24.04 -41.20 9.17
CA ASP B 73 25.01 -42.06 9.82
C ASP B 73 24.12 -42.97 10.66
N LYS B 74 24.05 -44.23 10.25
CA LYS B 74 23.20 -45.15 10.98
C LYS B 74 23.70 -45.40 12.38
N SER B 75 25.03 -45.32 12.59
CA SER B 75 25.54 -45.66 13.90
C SER B 75 25.14 -44.68 14.98
N THR B 76 24.79 -43.44 14.62
CA THR B 76 24.32 -42.47 15.59
C THR B 76 22.89 -42.04 15.37
N SER B 77 22.17 -42.68 14.43
CA SER B 77 20.82 -42.29 14.07
C SER B 77 20.72 -40.80 13.77
N THR B 78 21.65 -40.28 12.97
CA THR B 78 21.68 -38.85 12.64
C THR B 78 21.56 -38.68 11.14
N ALA B 79 20.70 -37.76 10.71
CA ALA B 79 20.59 -37.36 9.31
C ALA B 79 21.28 -36.02 9.14
N TYR B 80 21.80 -35.77 7.94
CA TYR B 80 22.53 -34.54 7.67
C TYR B 80 22.05 -33.93 6.37
N MET B 81 22.15 -32.60 6.30
CA MET B 81 21.86 -31.86 5.09
C MET B 81 23.00 -30.88 4.90
N GLU B 82 23.75 -31.03 3.81
CA GLU B 82 24.86 -30.12 3.50
C GLU B 82 24.49 -29.28 2.28
N LEU B 83 24.44 -27.97 2.47
CA LEU B 83 24.13 -26.99 1.42
C LEU B 83 25.38 -26.17 1.10
N SER B 84 25.78 -26.18 -0.17
CA SER B 84 27.03 -25.63 -0.70
C SER B 84 26.76 -24.39 -1.56
N SER B 85 27.82 -23.60 -1.78
CA SER B 85 27.73 -22.34 -2.52
C SER B 85 26.62 -21.43 -2.00
N LEU B 86 26.64 -21.20 -0.69
CA LEU B 86 25.59 -20.45 -0.03
C LEU B 86 25.48 -19.03 -0.56
N ARG B 87 24.23 -18.55 -0.64
CA ARG B 87 23.89 -17.23 -1.12
C ARG B 87 23.00 -16.56 -0.09
N SER B 88 22.92 -15.22 -0.17
CA SER B 88 22.07 -14.43 0.73
C SER B 88 20.69 -15.02 0.86
N GLU B 89 20.09 -15.40 -0.28
CA GLU B 89 18.75 -15.96 -0.33
C GLU B 89 18.60 -17.30 0.38
N ASP B 90 19.70 -17.97 0.78
CA ASP B 90 19.61 -19.19 1.56
C ASP B 90 19.39 -18.93 3.05
N THR B 91 19.42 -17.66 3.50
CA THR B 91 19.13 -17.44 4.90
C THR B 91 17.72 -17.93 5.21
N ALA B 92 17.63 -18.87 6.15
CA ALA B 92 16.38 -19.59 6.36
C ALA B 92 16.50 -20.37 7.66
N VAL B 93 15.36 -20.85 8.16
CA VAL B 93 15.37 -21.92 9.16
C VAL B 93 15.23 -23.24 8.41
N TYR B 94 16.18 -24.16 8.64
CA TYR B 94 16.21 -25.47 8.00
C TYR B 94 15.68 -26.49 9.00
N TYR B 95 14.75 -27.37 8.55
CA TYR B 95 14.12 -28.35 9.40
C TYR B 95 14.32 -29.73 8.84
N CYS B 96 14.51 -30.68 9.74
CA CYS B 96 14.30 -32.08 9.36
C CYS B 96 12.92 -32.49 9.83
N ALA B 97 12.30 -33.40 9.09
CA ALA B 97 10.97 -33.86 9.45
C ALA B 97 10.78 -35.29 9.01
N ARG B 98 10.20 -36.12 9.90
CA ARG B 98 10.07 -37.56 9.66
C ARG B 98 8.65 -37.94 9.26
N GLU B 99 8.54 -38.94 8.38
CA GLU B 99 7.22 -39.36 7.90
C GLU B 99 6.44 -40.11 8.99
N HIS B 100 5.11 -40.14 8.82
CA HIS B 100 4.27 -41.07 9.57
C HIS B 100 2.91 -41.19 8.89
N TYR B 101 2.16 -42.21 9.33
CA TYR B 101 0.78 -42.57 8.98
C TYR B 101 0.66 -42.92 7.51
N GLY B 102 1.74 -43.29 6.89
CA GLY B 102 2.04 -43.95 5.68
C GLY B 102 1.83 -43.01 4.51
N THR B 103 1.12 -41.87 4.70
CA THR B 103 1.08 -40.77 3.76
C THR B 103 1.58 -39.39 4.14
N SER B 104 2.16 -39.20 5.30
CA SER B 104 2.44 -37.83 5.78
C SER B 104 3.93 -37.65 5.93
N PRO B 105 4.62 -37.00 4.99
CA PRO B 105 6.10 -36.99 5.03
C PRO B 105 6.69 -36.18 6.19
N PHE B 106 5.91 -35.28 6.75
CA PHE B 106 6.25 -34.17 7.63
C PHE B 106 5.71 -34.34 9.04
N ALA B 107 5.46 -35.56 9.52
CA ALA B 107 4.58 -35.76 10.66
C ALA B 107 5.29 -35.38 11.96
N TYR B 108 6.61 -35.51 12.05
CA TYR B 108 7.40 -35.12 13.21
C TYR B 108 8.51 -34.19 12.76
N TRP B 109 8.70 -33.06 13.48
CA TRP B 109 9.65 -32.03 13.02
C TRP B 109 10.75 -31.79 14.04
N GLY B 110 11.97 -31.50 13.55
CA GLY B 110 13.02 -30.97 14.42
C GLY B 110 12.72 -29.52 14.78
N GLN B 111 13.50 -28.97 15.72
CA GLN B 111 13.22 -27.62 16.22
C GLN B 111 13.67 -26.54 15.26
N GLY B 112 14.39 -26.88 14.21
CA GLY B 112 14.87 -25.94 13.21
C GLY B 112 16.28 -25.48 13.51
N THR B 113 17.00 -25.15 12.44
CA THR B 113 18.35 -24.60 12.48
C THR B 113 18.39 -23.35 11.63
N LEU B 114 18.64 -22.21 12.26
CA LEU B 114 18.77 -20.97 11.52
C LEU B 114 20.16 -20.91 10.89
N VAL B 115 20.20 -20.67 9.59
CA VAL B 115 21.45 -20.43 8.88
C VAL B 115 21.33 -19.02 8.30
N THR B 116 22.24 -18.14 8.71
CA THR B 116 22.26 -16.76 8.24
C THR B 116 23.46 -16.59 7.33
N VAL B 117 23.24 -16.23 6.08
CA VAL B 117 24.31 -16.08 5.09
C VAL B 117 24.58 -14.61 4.85
N SER B 118 25.79 -14.16 5.17
CA SER B 118 26.07 -12.74 5.11
C SER B 118 27.56 -12.52 5.05
N SER B 119 27.95 -11.41 4.41
CA SER B 119 29.34 -10.99 4.38
C SER B 119 29.68 -10.06 5.52
N ALA B 120 28.70 -9.67 6.32
CA ALA B 120 28.92 -8.67 7.36
C ALA B 120 29.82 -9.21 8.47
N SER B 121 30.53 -8.31 9.14
CA SER B 121 31.32 -8.65 10.30
C SER B 121 30.56 -8.31 11.59
N THR B 122 30.90 -9.05 12.64
CA THR B 122 30.31 -8.80 13.95
C THR B 122 30.55 -7.36 14.38
N LYS B 123 29.47 -6.65 14.70
CA LYS B 123 29.54 -5.22 15.03
C LYS B 123 28.39 -4.87 15.95
N GLY B 124 28.68 -4.07 17.00
CA GLY B 124 27.67 -3.57 17.91
C GLY B 124 26.97 -2.37 17.33
N PRO B 125 25.79 -2.06 17.86
CA PRO B 125 25.00 -0.96 17.32
C PRO B 125 25.42 0.40 17.85
N SER B 126 24.99 1.41 17.10
CA SER B 126 24.94 2.78 17.58
C SER B 126 23.53 2.97 18.08
N VAL B 127 23.36 3.72 19.18
CA VAL B 127 22.05 3.92 19.79
C VAL B 127 21.75 5.41 19.75
N PHE B 128 20.61 5.78 19.13
CA PHE B 128 20.23 7.17 19.00
C PHE B 128 18.89 7.41 19.65
N PRO B 129 18.66 8.57 20.26
CA PRO B 129 17.36 8.80 20.92
C PRO B 129 16.31 9.12 19.87
N LEU B 130 15.07 8.65 20.13
CA LEU B 130 13.90 9.20 19.48
C LEU B 130 13.28 10.11 20.53
N ALA B 131 13.49 11.39 20.36
CA ALA B 131 13.15 12.34 21.39
C ALA B 131 11.65 12.55 21.48
N PRO B 132 11.09 12.67 22.69
CA PRO B 132 9.72 13.15 22.81
C PRO B 132 9.70 14.65 22.57
N SER B 133 8.69 15.08 21.84
CA SER B 133 8.63 16.41 21.26
C SER B 133 7.17 16.78 21.12
N SER B 134 6.92 18.01 20.71
CA SER B 134 5.55 18.39 20.45
C SER B 134 4.99 17.63 19.26
N LYS B 135 5.83 16.96 18.45
CA LYS B 135 5.41 16.16 17.30
C LYS B 135 5.29 14.67 17.65
N SER B 136 5.62 14.32 18.90
CA SER B 136 5.48 12.99 19.47
C SER B 136 4.42 12.93 20.57
N THR B 137 3.46 13.86 20.61
CA THR B 137 2.48 13.76 21.67
C THR B 137 1.10 13.54 21.09
N SER B 138 0.30 12.77 21.82
CA SER B 138 -1.12 12.58 21.57
C SER B 138 -1.84 12.74 22.90
N GLY B 139 -2.70 13.75 23.01
CA GLY B 139 -3.45 13.87 24.25
C GLY B 139 -2.51 14.10 25.42
N GLY B 140 -2.72 13.32 26.48
CA GLY B 140 -1.83 13.35 27.63
C GLY B 140 -0.73 12.32 27.56
N THR B 141 -0.48 11.78 26.37
CA THR B 141 0.51 10.72 26.17
C THR B 141 1.59 11.19 25.22
N ALA B 142 2.83 10.82 25.51
CA ALA B 142 3.95 11.11 24.64
C ALA B 142 4.63 9.81 24.27
N ALA B 143 5.17 9.75 23.06
CA ALA B 143 5.99 8.62 22.65
C ALA B 143 7.45 9.03 22.57
N LEU B 144 8.31 8.09 22.92
CA LEU B 144 9.76 8.27 22.85
C LEU B 144 10.39 6.92 22.61
N GLY B 145 11.66 6.93 22.24
CA GLY B 145 12.27 5.64 22.00
C GLY B 145 13.76 5.73 21.76
N CYS B 146 14.30 4.64 21.23
CA CYS B 146 15.69 4.52 20.87
C CYS B 146 15.79 3.79 19.54
N LEU B 147 16.61 4.32 18.66
CA LEU B 147 16.91 3.71 17.38
C LEU B 147 18.24 2.97 17.54
N VAL B 148 18.19 1.65 17.38
CA VAL B 148 19.34 0.78 17.54
C VAL B 148 19.79 0.35 16.15
N LYS B 149 20.89 0.93 15.69
CA LYS B 149 21.24 1.00 14.27
C LYS B 149 22.55 0.27 14.00
N ASP B 150 22.65 -0.31 12.79
CA ASP B 150 23.92 -0.88 12.34
C ASP B 150 24.64 -1.94 13.17
N TYR B 151 23.94 -3.04 13.48
CA TYR B 151 24.68 -4.11 14.15
C TYR B 151 24.44 -5.45 13.47
N PHE B 152 25.34 -6.38 13.77
CA PHE B 152 25.30 -7.73 13.22
C PHE B 152 26.04 -8.65 14.19
N PRO B 153 25.61 -9.91 14.33
CA PRO B 153 24.37 -10.48 13.82
C PRO B 153 23.30 -10.20 14.87
N GLU B 154 22.09 -10.67 14.60
CA GLU B 154 21.03 -10.57 15.57
C GLU B 154 21.32 -11.51 16.74
N PRO B 155 20.70 -11.25 17.90
CA PRO B 155 19.81 -10.17 18.38
C PRO B 155 20.48 -9.04 19.14
N VAL B 156 19.66 -8.03 19.38
CA VAL B 156 19.89 -7.06 20.43
C VAL B 156 18.69 -7.19 21.36
N THR B 157 18.90 -6.83 22.61
CA THR B 157 17.82 -6.75 23.59
C THR B 157 17.75 -5.32 24.06
N VAL B 158 16.53 -4.85 24.33
CA VAL B 158 16.31 -3.49 24.79
C VAL B 158 15.41 -3.54 26.01
N SER B 159 15.80 -2.84 27.07
CA SER B 159 14.97 -2.66 28.24
C SER B 159 14.90 -1.16 28.50
N TRP B 160 13.95 -0.77 29.34
CA TRP B 160 13.73 0.64 29.66
C TRP B 160 13.86 0.83 31.16
N ASN B 161 14.67 1.81 31.56
CA ASN B 161 14.91 2.12 32.97
C ASN B 161 15.28 0.89 33.77
N SER B 162 16.18 0.08 33.20
CA SER B 162 16.71 -1.14 33.81
C SER B 162 15.61 -2.12 34.22
N GLY B 163 14.57 -2.21 33.39
CA GLY B 163 13.45 -3.09 33.65
C GLY B 163 12.34 -2.49 34.46
N ALA B 164 12.52 -1.27 34.99
CA ALA B 164 11.45 -0.67 35.77
C ALA B 164 10.29 -0.19 34.90
N LEU B 165 10.49 0.09 33.61
CA LEU B 165 9.33 0.43 32.79
C LEU B 165 9.17 -0.68 31.75
N THR B 166 8.14 -1.52 31.89
CA THR B 166 7.68 -2.31 30.79
C THR B 166 6.34 -1.98 30.13
N SER B 167 5.49 -1.15 30.76
CA SER B 167 4.17 -0.87 30.20
C SER B 167 4.30 -0.04 28.94
N GLY B 168 3.55 -0.37 27.89
CA GLY B 168 3.54 0.48 26.72
C GLY B 168 4.77 0.41 25.83
N VAL B 169 5.69 -0.51 26.10
CA VAL B 169 6.90 -0.65 25.31
C VAL B 169 6.59 -1.49 24.08
N HIS B 170 7.11 -1.06 22.93
CA HIS B 170 7.10 -1.88 21.72
C HIS B 170 8.52 -1.90 21.17
N THR B 171 9.13 -3.08 21.17
CA THR B 171 10.44 -3.25 20.54
C THR B 171 10.22 -3.98 19.23
N PHE B 172 10.52 -3.32 18.11
CA PHE B 172 10.15 -3.79 16.81
C PHE B 172 11.10 -4.89 16.33
N PRO B 173 10.62 -5.74 15.44
CA PRO B 173 11.53 -6.69 14.80
C PRO B 173 12.56 -5.91 14.01
N ALA B 174 13.77 -6.46 13.98
CA ALA B 174 14.87 -5.84 13.25
C ALA B 174 14.60 -5.95 11.75
N VAL B 175 15.13 -4.98 11.02
CA VAL B 175 15.10 -5.02 9.56
C VAL B 175 16.54 -5.10 9.09
N LEU B 176 16.75 -5.79 8.00
CA LEU B 176 18.06 -5.90 7.39
C LEU B 176 18.22 -4.76 6.39
N GLN B 177 19.20 -3.90 6.62
CA GLN B 177 19.41 -2.79 5.72
C GLN B 177 20.21 -3.24 4.50
N SER B 178 20.19 -2.43 3.42
CA SER B 178 20.93 -2.76 2.21
C SER B 178 22.43 -2.82 2.46
N SER B 179 22.89 -2.23 3.57
CA SER B 179 24.29 -2.27 3.95
C SER B 179 24.71 -3.63 4.48
N GLY B 180 23.76 -4.51 4.79
CA GLY B 180 24.05 -5.79 5.41
C GLY B 180 23.94 -5.78 6.92
N LEU B 181 23.66 -4.61 7.53
CA LEU B 181 23.54 -4.48 8.98
C LEU B 181 22.09 -4.34 9.37
N TYR B 182 21.78 -4.80 10.57
CA TYR B 182 20.42 -4.73 11.09
C TYR B 182 20.18 -3.42 11.82
N SER B 183 18.90 -3.09 11.94
CA SER B 183 18.47 -1.90 12.65
C SER B 183 17.09 -2.16 13.24
N LEU B 184 16.83 -1.59 14.41
CA LEU B 184 15.50 -1.69 14.98
C LEU B 184 15.27 -0.48 15.87
N SER B 185 14.01 -0.24 16.19
CA SER B 185 13.66 0.78 17.15
C SER B 185 12.86 0.14 18.27
N SER B 186 12.98 0.75 19.45
CA SER B 186 12.20 0.40 20.63
C SER B 186 11.54 1.67 21.08
N VAL B 187 10.21 1.65 21.27
CA VAL B 187 9.48 2.85 21.65
C VAL B 187 8.65 2.55 22.88
N VAL B 188 8.22 3.62 23.55
CA VAL B 188 7.36 3.50 24.74
C VAL B 188 6.51 4.75 24.82
N THR B 189 5.24 4.58 25.20
CA THR B 189 4.35 5.71 25.44
C THR B 189 4.21 5.94 26.94
N VAL B 190 4.29 7.20 27.35
CA VAL B 190 4.32 7.59 28.76
C VAL B 190 3.39 8.78 28.94
N PRO B 191 3.02 9.16 30.16
CA PRO B 191 2.28 10.42 30.33
C PRO B 191 3.16 11.61 29.99
N SER B 192 2.60 12.55 29.22
CA SER B 192 3.37 13.73 28.85
C SER B 192 3.68 14.60 30.07
N SER B 193 2.89 14.50 31.14
CA SER B 193 3.18 15.23 32.37
C SER B 193 4.49 14.76 33.00
N SER B 194 4.93 13.54 32.69
CA SER B 194 6.16 13.05 33.28
C SER B 194 7.37 13.54 32.52
N LEU B 195 7.18 14.02 31.28
CA LEU B 195 8.33 14.33 30.44
C LEU B 195 9.32 15.28 31.08
N GLY B 196 8.89 16.20 31.94
CA GLY B 196 9.92 16.98 32.59
C GLY B 196 10.59 16.38 33.80
N THR B 197 9.89 15.56 34.60
CA THR B 197 10.60 15.00 35.76
C THR B 197 11.07 13.55 35.68
N GLN B 198 10.48 12.71 34.83
CA GLN B 198 10.88 11.30 34.79
C GLN B 198 12.07 11.11 33.88
N THR B 199 13.11 10.45 34.37
CA THR B 199 14.21 10.07 33.47
C THR B 199 13.84 8.80 32.71
N TYR B 200 14.12 8.80 31.41
CA TYR B 200 13.89 7.67 30.51
C TYR B 200 15.20 7.30 29.84
N ILE B 201 15.62 6.05 30.05
CA ILE B 201 16.88 5.51 29.54
C ILE B 201 16.60 4.15 28.91
N CYS B 202 17.07 3.94 27.69
CA CYS B 202 16.97 2.62 27.06
C CYS B 202 18.28 1.89 27.27
N ASN B 203 18.21 0.64 27.70
CA ASN B 203 19.36 -0.21 27.96
C ASN B 203 19.47 -1.22 26.83
N VAL B 204 20.50 -1.08 26.02
CA VAL B 204 20.71 -1.89 24.82
C VAL B 204 21.88 -2.84 25.04
N ASN B 205 21.68 -4.11 24.73
CA ASN B 205 22.73 -5.11 24.85
C ASN B 205 22.83 -5.81 23.52
N HIS B 206 24.04 -5.93 22.96
CA HIS B 206 24.24 -6.87 21.87
C HIS B 206 25.33 -7.82 22.33
N LYS B 207 24.92 -9.05 22.63
CA LYS B 207 25.86 -10.08 23.09
C LYS B 207 26.98 -10.46 22.14
N PRO B 208 26.74 -10.62 20.82
CA PRO B 208 27.84 -11.01 19.93
C PRO B 208 29.05 -10.11 19.99
N SER B 209 28.85 -8.80 20.21
CA SER B 209 29.94 -7.84 20.20
C SER B 209 30.28 -7.37 21.60
N ASN B 210 29.60 -7.91 22.61
CA ASN B 210 29.80 -7.46 23.99
C ASN B 210 29.54 -5.97 24.14
N THR B 211 28.53 -5.47 23.44
CA THR B 211 28.15 -4.05 23.47
C THR B 211 26.98 -3.84 24.43
N LYS B 212 27.17 -2.93 25.39
CA LYS B 212 26.11 -2.50 26.30
C LYS B 212 26.07 -0.98 26.28
N VAL B 213 24.90 -0.42 25.96
CA VAL B 213 24.74 1.01 25.82
C VAL B 213 23.49 1.42 26.57
N ASP B 214 23.62 2.45 27.41
CA ASP B 214 22.51 3.08 28.12
C ASP B 214 22.36 4.47 27.54
N LYS B 215 21.21 4.78 26.96
CA LYS B 215 21.01 6.05 26.28
C LYS B 215 19.85 6.78 26.94
N LYS B 216 20.13 7.96 27.51
CA LYS B 216 19.06 8.78 28.07
C LYS B 216 18.31 9.46 26.93
N VAL B 217 16.98 9.44 27.00
CA VAL B 217 16.12 10.01 25.96
C VAL B 217 15.32 11.16 26.58
N GLU B 218 15.52 12.36 26.09
CA GLU B 218 14.88 13.54 26.67
C GLU B 218 14.37 14.44 25.55
N PRO B 219 13.40 15.31 25.87
CA PRO B 219 12.95 16.29 24.88
C PRO B 219 14.10 17.19 24.49
N LYS B 220 14.13 17.60 23.22
CA LYS B 220 15.23 18.43 22.71
C LYS B 220 14.91 19.92 22.85
N SER B 221 15.91 20.68 23.29
CA SER B 221 15.75 22.13 23.50
C SER B 221 15.77 22.88 22.18
N GLU C 1 13.38 28.65 -0.39
CA GLU C 1 11.99 28.79 -0.79
C GLU C 1 11.08 28.53 0.41
N ILE C 2 9.88 29.09 0.37
CA ILE C 2 8.87 28.86 1.41
C ILE C 2 8.08 27.61 1.05
N VAL C 3 8.19 26.58 1.87
CA VAL C 3 7.52 25.32 1.57
C VAL C 3 6.17 25.29 2.28
N LEU C 4 5.12 24.91 1.56
CA LEU C 4 3.75 24.85 2.08
C LEU C 4 3.29 23.41 2.24
N THR C 5 2.79 23.09 3.43
CA THR C 5 2.36 21.73 3.76
C THR C 5 0.87 21.75 4.04
N GLN C 6 0.09 21.11 3.18
CA GLN C 6 -1.36 21.02 3.34
C GLN C 6 -1.74 19.72 4.04
N SER C 7 -2.83 19.80 4.79
CA SER C 7 -3.36 18.63 5.49
C SER C 7 -4.83 18.89 5.75
N PRO C 8 -5.66 17.84 5.78
CA PRO C 8 -5.23 16.47 5.51
C PRO C 8 -5.17 16.30 4.00
N ALA C 9 -4.55 15.21 3.56
CA ALA C 9 -4.43 14.96 2.13
C ALA C 9 -5.81 14.85 1.48
N THR C 10 -6.78 14.26 2.20
CA THR C 10 -8.13 14.16 1.68
C THR C 10 -9.10 14.41 2.83
N LEU C 11 -10.28 14.90 2.45
CA LEU C 11 -11.43 15.02 3.33
C LEU C 11 -12.60 14.30 2.69
N SER C 12 -13.32 13.51 3.47
CA SER C 12 -14.49 12.77 3.01
C SER C 12 -15.70 13.32 3.73
N LEU C 13 -16.54 14.06 3.01
CA LEU C 13 -17.63 14.81 3.62
C LEU C 13 -18.88 14.71 2.76
N SER C 14 -20.00 15.17 3.33
CA SER C 14 -21.28 15.21 2.67
C SER C 14 -21.71 16.63 2.38
N PRO C 15 -22.53 16.85 1.34
CA PRO C 15 -23.08 18.17 1.11
C PRO C 15 -23.76 18.69 2.36
N GLY C 16 -23.55 19.97 2.65
CA GLY C 16 -24.08 20.61 3.83
C GLY C 16 -23.15 20.62 5.02
N GLU C 17 -22.05 19.86 4.97
CA GLU C 17 -21.10 19.81 6.07
C GLU C 17 -20.03 20.88 5.91
N ARG C 18 -19.38 21.17 7.03
CA ARG C 18 -18.29 22.14 7.07
C ARG C 18 -16.97 21.46 6.72
N ALA C 19 -16.20 22.06 5.81
CA ALA C 19 -14.89 21.55 5.42
C ALA C 19 -13.83 22.50 5.92
N THR C 20 -12.82 21.97 6.62
CA THR C 20 -11.74 22.78 7.19
C THR C 20 -10.41 22.27 6.65
N LEU C 21 -9.73 23.08 5.85
CA LEU C 21 -8.47 22.70 5.20
C LEU C 21 -7.32 23.49 5.78
N SER C 22 -6.17 22.83 6.02
CA SER C 22 -5.04 23.49 6.69
C SER C 22 -3.86 23.67 5.73
N CYS C 23 -3.13 24.78 5.88
CA CYS C 23 -1.90 25.02 5.15
C CYS C 23 -0.88 25.60 6.12
N ARG C 24 0.25 24.92 6.27
CA ARG C 24 1.35 25.37 7.13
C ARG C 24 2.51 25.82 6.26
N ALA C 25 3.08 26.98 6.56
CA ALA C 25 4.24 27.47 5.82
C ALA C 25 5.53 27.22 6.62
N SER C 26 6.64 26.99 5.90
CA SER C 26 7.91 26.72 6.56
C SER C 26 8.53 27.96 7.19
N GLU C 27 8.07 29.15 6.79
CA GLU C 27 8.44 30.42 7.41
C GLU C 27 7.29 31.39 7.21
N SER C 28 7.30 32.50 7.96
CA SER C 28 6.14 33.40 7.83
C SER C 28 5.98 33.89 6.40
N VAL C 29 4.73 33.91 5.93
CA VAL C 29 4.15 34.64 4.80
C VAL C 29 3.87 36.11 5.04
N ASP C 30 3.91 36.62 6.27
CA ASP C 30 3.38 37.96 6.54
C ASP C 30 4.38 39.05 6.20
N ASN C 31 3.84 40.20 5.79
CA ASN C 31 4.63 41.42 5.64
C ASN C 31 3.65 42.59 5.63
N TYR C 32 4.09 43.74 6.13
CA TYR C 32 3.34 44.99 5.98
C TYR C 32 1.94 44.91 6.59
N GLY C 33 1.76 44.06 7.59
CA GLY C 33 0.48 43.96 8.26
C GLY C 33 -0.51 43.07 7.56
N MET C 34 -0.08 42.33 6.54
CA MET C 34 -0.89 41.41 5.77
C MET C 34 -0.22 40.04 5.74
N SER C 35 -0.97 39.02 5.30
CA SER C 35 -0.41 37.68 5.12
C SER C 35 -0.59 37.32 3.66
N PHE C 36 0.50 37.07 2.88
CA PHE C 36 0.09 36.75 1.52
C PHE C 36 -0.03 35.25 1.49
N MET C 37 -1.25 34.80 1.64
CA MET C 37 -1.73 33.46 1.39
C MET C 37 -2.81 33.50 0.34
N ASN C 38 -2.76 32.59 -0.62
CA ASN C 38 -3.78 32.48 -1.65
C ASN C 38 -4.32 31.06 -1.65
N TRP C 39 -5.60 30.91 -1.98
CA TRP C 39 -6.22 29.59 -2.07
C TRP C 39 -6.90 29.41 -3.42
N PHE C 40 -6.79 28.21 -3.97
CA PHE C 40 -7.34 27.85 -5.27
C PHE C 40 -8.19 26.60 -5.16
N GLN C 41 -9.11 26.50 -6.10
CA GLN C 41 -9.93 25.32 -6.33
C GLN C 41 -9.60 24.79 -7.71
N GLN C 42 -9.45 23.47 -7.85
CA GLN C 42 -9.15 22.95 -9.19
C GLN C 42 -9.97 21.71 -9.42
N LYS C 43 -10.63 21.66 -10.56
CA LYS C 43 -11.36 20.49 -10.98
C LYS C 43 -10.68 19.83 -12.17
N PRO C 44 -10.92 18.54 -12.40
CA PRO C 44 -10.22 17.84 -13.48
C PRO C 44 -10.36 18.54 -14.84
N GLY C 45 -9.23 18.62 -15.55
CA GLY C 45 -9.17 19.23 -16.87
C GLY C 45 -9.32 20.74 -16.94
N GLN C 46 -9.30 21.41 -15.80
CA GLN C 46 -9.50 22.85 -15.71
C GLN C 46 -8.28 23.47 -15.02
N PRO C 47 -8.03 24.75 -15.27
CA PRO C 47 -7.01 25.44 -14.52
C PRO C 47 -7.52 25.69 -13.11
N PRO C 48 -6.63 25.99 -12.18
CA PRO C 48 -7.08 26.40 -10.85
C PRO C 48 -7.83 27.72 -10.94
N LYS C 49 -8.76 27.91 -10.01
CA LYS C 49 -9.49 29.17 -9.92
C LYS C 49 -9.23 29.79 -8.56
N LEU C 50 -8.87 31.10 -8.53
CA LEU C 50 -8.55 31.70 -7.24
C LEU C 50 -9.82 31.84 -6.41
N LEU C 51 -9.84 31.31 -5.16
CA LEU C 51 -10.83 31.75 -4.18
C LEU C 51 -10.52 32.85 -3.19
N ILE C 52 -9.28 32.90 -2.71
CA ILE C 52 -8.91 33.76 -1.58
C ILE C 52 -7.59 34.42 -1.93
N HIS C 53 -7.43 35.71 -1.62
CA HIS C 53 -6.12 36.33 -1.57
C HIS C 53 -5.98 37.17 -0.31
N ALA C 54 -4.73 37.36 0.08
CA ALA C 54 -4.20 38.03 1.28
C ALA C 54 -4.94 37.43 2.45
N ALA C 55 -5.28 36.19 2.27
CA ALA C 55 -5.54 34.99 2.96
C ALA C 55 -6.63 35.20 3.96
N SER C 56 -7.60 36.13 4.04
CA SER C 56 -9.05 36.19 4.05
C SER C 56 -9.83 36.94 2.98
N ASN C 57 -9.25 37.45 1.92
CA ASN C 57 -10.08 38.30 1.07
C ASN C 57 -10.58 37.47 -0.09
N GLN C 58 -11.74 37.80 -0.62
CA GLN C 58 -12.30 36.95 -1.66
C GLN C 58 -11.90 37.44 -3.05
N GLY C 59 -11.73 36.48 -3.96
CA GLY C 59 -11.62 36.85 -5.35
C GLY C 59 -12.99 37.22 -5.89
N SER C 60 -13.02 37.75 -7.11
CA SER C 60 -14.29 38.13 -7.70
C SER C 60 -15.15 36.89 -7.98
N GLY C 61 -16.44 36.98 -7.67
CA GLY C 61 -17.38 35.91 -7.91
C GLY C 61 -17.20 34.67 -7.07
N VAL C 62 -16.57 34.77 -5.91
CA VAL C 62 -16.36 33.63 -5.03
C VAL C 62 -17.52 33.58 -4.02
N PRO C 63 -18.27 32.47 -3.94
CA PRO C 63 -19.40 32.41 -3.01
C PRO C 63 -18.97 32.66 -1.57
N SER C 64 -19.91 33.20 -0.79
CA SER C 64 -19.61 33.59 0.58
C SER C 64 -19.18 32.42 1.45
N ARG C 65 -19.59 31.19 1.09
CA ARG C 65 -19.26 30.03 1.93
C ARG C 65 -17.77 29.73 1.98
N PHE C 66 -16.96 30.31 1.09
CA PHE C 66 -15.51 30.12 1.13
C PHE C 66 -14.90 31.24 1.93
N SER C 67 -14.13 30.89 2.96
CA SER C 67 -13.47 31.89 3.79
C SER C 67 -12.09 31.39 4.19
N GLY C 68 -11.16 32.33 4.26
CA GLY C 68 -9.79 32.03 4.63
C GLY C 68 -9.47 32.75 5.93
N SER C 69 -8.56 32.15 6.69
CA SER C 69 -8.13 32.70 7.97
C SER C 69 -6.69 32.27 8.24
N GLY C 70 -6.10 32.85 9.29
CA GLY C 70 -4.75 32.56 9.71
C GLY C 70 -3.80 33.71 9.42
N SER C 71 -2.56 33.53 9.87
CA SER C 71 -1.49 34.53 9.76
C SER C 71 -0.16 33.83 10.05
N GLY C 72 0.96 34.52 9.75
CA GLY C 72 2.23 33.87 10.04
C GLY C 72 2.38 32.60 9.25
N THR C 73 2.46 31.45 9.91
CA THR C 73 2.74 30.19 9.23
C THR C 73 1.55 29.25 9.25
N ASP C 74 0.40 29.64 9.80
CA ASP C 74 -0.72 28.71 9.96
C ASP C 74 -1.98 29.29 9.31
N PHE C 75 -2.50 28.61 8.27
CA PHE C 75 -3.63 29.13 7.50
C PHE C 75 -4.70 28.07 7.34
N THR C 76 -5.94 28.54 7.21
CA THR C 76 -7.10 27.67 7.09
C THR C 76 -8.01 28.17 5.98
N LEU C 77 -8.54 27.25 5.20
CA LEU C 77 -9.63 27.49 4.27
C LEU C 77 -10.85 26.74 4.76
N THR C 78 -11.96 27.45 4.93
CA THR C 78 -13.17 26.84 5.47
C THR C 78 -14.27 26.98 4.44
N ILE C 79 -14.97 25.88 4.14
CA ILE C 79 -16.19 25.95 3.34
C ILE C 79 -17.33 25.66 4.31
N SER C 80 -18.06 26.72 4.68
CA SER C 80 -19.02 26.61 5.76
C SER C 80 -20.07 25.51 5.56
N SER C 81 -20.65 25.41 4.36
CA SER C 81 -21.53 24.30 4.00
C SER C 81 -21.18 23.82 2.60
N LEU C 82 -20.76 22.57 2.47
CA LEU C 82 -20.42 22.06 1.16
C LEU C 82 -21.62 22.02 0.22
N GLU C 83 -21.39 22.40 -1.03
CA GLU C 83 -22.31 22.18 -2.13
C GLU C 83 -21.71 21.13 -3.08
N PRO C 84 -22.54 20.43 -3.89
CA PRO C 84 -22.01 19.36 -4.75
C PRO C 84 -20.89 19.82 -5.66
N GLU C 85 -20.92 21.07 -6.11
CA GLU C 85 -19.88 21.57 -7.00
C GLU C 85 -18.57 21.84 -6.28
N ASP C 86 -18.51 21.61 -4.97
CA ASP C 86 -17.31 21.93 -4.20
C ASP C 86 -16.37 20.76 -4.07
N PHE C 87 -16.77 19.55 -4.45
CA PHE C 87 -15.83 18.44 -4.32
C PHE C 87 -14.84 18.56 -5.47
N ALA C 88 -13.62 18.85 -5.04
CA ALA C 88 -12.56 19.42 -5.86
C ALA C 88 -11.24 19.19 -5.15
N VAL C 89 -10.14 19.54 -5.82
CA VAL C 89 -8.86 19.68 -5.13
C VAL C 89 -8.62 21.15 -4.81
N TYR C 90 -8.05 21.42 -3.64
CA TYR C 90 -7.80 22.78 -3.17
C TYR C 90 -6.33 22.95 -2.82
N PHE C 91 -5.74 24.06 -3.26
CA PHE C 91 -4.33 24.37 -3.09
C PHE C 91 -4.15 25.68 -2.35
N CYS C 92 -3.13 25.74 -1.49
CA CYS C 92 -2.68 27.02 -0.99
C CYS C 92 -1.43 27.45 -1.75
N GLN C 93 -1.16 28.76 -1.77
CA GLN C 93 -0.01 29.26 -2.50
C GLN C 93 0.45 30.57 -1.87
N GLN C 94 1.76 30.79 -1.66
CA GLN C 94 2.18 32.04 -1.03
C GLN C 94 2.77 33.03 -2.04
N SER C 95 2.49 34.32 -1.82
CA SER C 95 3.08 35.37 -2.64
C SER C 95 4.00 36.34 -1.89
N LYS C 96 4.48 36.00 -0.71
CA LYS C 96 5.37 36.91 0.02
C LYS C 96 6.71 37.00 -0.69
N GLU C 97 7.22 35.86 -1.18
CA GLU C 97 8.53 35.82 -1.80
C GLU C 97 8.45 35.07 -3.11
N VAL C 98 9.41 35.36 -3.99
CA VAL C 98 9.66 34.46 -5.11
C VAL C 98 10.81 33.55 -4.71
N PRO C 99 10.80 32.30 -5.13
CA PRO C 99 9.78 31.71 -6.00
C PRO C 99 8.40 31.54 -5.36
N TYR C 100 7.36 31.86 -6.12
CA TYR C 100 6.02 31.57 -5.66
C TYR C 100 5.88 30.06 -5.53
N THR C 101 5.30 29.61 -4.42
CA THR C 101 5.21 28.19 -4.12
C THR C 101 3.79 27.78 -3.76
N PHE C 102 3.49 26.51 -4.03
CA PHE C 102 2.18 25.94 -3.81
C PHE C 102 2.25 24.80 -2.80
N GLY C 103 1.16 24.58 -2.07
CA GLY C 103 1.06 23.36 -1.29
C GLY C 103 0.72 22.19 -2.20
N GLY C 104 0.73 20.98 -1.62
CA GLY C 104 0.51 19.75 -2.36
C GLY C 104 -0.94 19.43 -2.70
N GLY C 105 -1.87 20.20 -2.16
CA GLY C 105 -3.30 20.02 -2.42
C GLY C 105 -3.98 19.11 -1.41
N THR C 106 -5.28 19.38 -1.24
CA THR C 106 -6.17 18.58 -0.41
C THR C 106 -7.39 18.27 -1.27
N LYS C 107 -7.74 16.99 -1.38
CA LYS C 107 -8.88 16.56 -2.18
C LYS C 107 -10.09 16.42 -1.27
N VAL C 108 -11.17 17.10 -1.61
CA VAL C 108 -12.45 16.97 -0.90
C VAL C 108 -13.34 16.07 -1.73
N GLU C 109 -13.64 14.86 -1.24
CA GLU C 109 -14.40 13.84 -1.94
C GLU C 109 -15.64 13.48 -1.13
N ILE C 110 -16.57 12.80 -1.79
CA ILE C 110 -17.91 12.60 -1.26
C ILE C 110 -17.97 11.38 -0.35
N LYS C 111 -18.47 11.57 0.86
CA LYS C 111 -18.64 10.47 1.79
C LYS C 111 -19.89 9.68 1.45
N ARG C 112 -19.79 8.36 1.64
CA ARG C 112 -20.89 7.43 1.41
C ARG C 112 -20.59 6.20 2.25
N THR C 113 -21.56 5.28 2.27
CA THR C 113 -21.38 4.08 3.07
C THR C 113 -20.28 3.21 2.46
N VAL C 114 -19.62 2.44 3.32
CA VAL C 114 -18.59 1.51 2.88
C VAL C 114 -19.21 0.49 1.93
N ALA C 115 -18.51 0.23 0.82
CA ALA C 115 -18.92 -0.72 -0.20
C ALA C 115 -17.71 -1.56 -0.56
N ALA C 116 -17.82 -2.86 -0.36
CA ALA C 116 -16.74 -3.76 -0.71
C ALA C 116 -16.67 -3.89 -2.23
N PRO C 117 -15.48 -4.07 -2.78
CA PRO C 117 -15.39 -4.23 -4.23
C PRO C 117 -15.83 -5.62 -4.64
N SER C 118 -16.39 -5.71 -5.85
CA SER C 118 -16.56 -6.97 -6.55
C SER C 118 -15.27 -7.21 -7.33
N VAL C 119 -14.67 -8.38 -7.14
CA VAL C 119 -13.34 -8.66 -7.68
C VAL C 119 -13.48 -9.66 -8.82
N PHE C 120 -12.82 -9.35 -9.93
CA PHE C 120 -12.83 -10.19 -11.12
C PHE C 120 -11.41 -10.31 -11.65
N ILE C 121 -11.07 -11.47 -12.19
CA ILE C 121 -9.75 -11.70 -12.77
C ILE C 121 -9.90 -12.16 -14.22
N PHE C 122 -9.01 -11.68 -15.08
CA PHE C 122 -9.05 -11.97 -16.51
C PHE C 122 -7.71 -12.51 -16.96
N PRO C 123 -7.65 -13.75 -17.44
CA PRO C 123 -6.42 -14.29 -18.01
C PRO C 123 -6.09 -13.58 -19.30
N PRO C 124 -4.85 -13.68 -19.78
CA PRO C 124 -4.53 -13.09 -21.08
C PRO C 124 -5.21 -13.85 -22.20
N SER C 125 -5.62 -13.10 -23.22
CA SER C 125 -6.31 -13.69 -24.34
C SER C 125 -5.34 -14.50 -25.20
N ASP C 126 -5.90 -15.42 -25.98
CA ASP C 126 -5.07 -16.19 -26.89
C ASP C 126 -4.37 -15.28 -27.88
N GLU C 127 -5.06 -14.23 -28.34
CA GLU C 127 -4.48 -13.32 -29.32
C GLU C 127 -3.23 -12.65 -28.78
N GLN C 128 -3.30 -12.09 -27.57
CA GLN C 128 -2.10 -11.46 -27.02
C GLN C 128 -0.98 -12.47 -26.86
N LEU C 129 -1.30 -13.66 -26.38
CA LEU C 129 -0.29 -14.71 -26.23
C LEU C 129 0.40 -15.02 -27.54
N LYS C 130 -0.31 -14.88 -28.67
CA LYS C 130 0.33 -15.05 -29.97
C LYS C 130 1.45 -14.05 -30.17
N SER C 131 1.28 -12.83 -29.65
CA SER C 131 2.24 -11.76 -29.86
C SER C 131 3.45 -11.83 -28.91
N GLY C 132 3.47 -12.74 -27.96
CA GLY C 132 4.60 -12.90 -27.07
C GLY C 132 4.50 -12.22 -25.72
N THR C 133 3.34 -11.68 -25.36
CA THR C 133 3.15 -10.97 -24.10
C THR C 133 1.91 -11.50 -23.41
N ALA C 134 1.92 -11.46 -22.09
CA ALA C 134 0.81 -11.91 -21.26
C ALA C 134 0.44 -10.79 -20.28
N SER C 135 -0.79 -10.29 -20.41
CA SER C 135 -1.33 -9.32 -19.46
C SER C 135 -2.47 -9.99 -18.70
N VAL C 136 -2.36 -10.02 -17.37
CA VAL C 136 -3.41 -10.50 -16.48
C VAL C 136 -4.02 -9.28 -15.80
N VAL C 137 -5.35 -9.18 -15.83
CA VAL C 137 -6.05 -8.00 -15.30
C VAL C 137 -6.89 -8.44 -14.11
N CYS C 138 -6.83 -7.64 -13.05
CA CYS C 138 -7.67 -7.81 -11.87
C CYS C 138 -8.49 -6.53 -11.72
N LEU C 139 -9.81 -6.69 -11.65
CA LEU C 139 -10.75 -5.58 -11.59
C LEU C 139 -11.40 -5.54 -10.21
N LEU C 140 -11.38 -4.36 -9.59
CA LEU C 140 -12.07 -4.07 -8.33
C LEU C 140 -13.16 -3.07 -8.67
N ASN C 141 -14.40 -3.49 -8.57
CA ASN C 141 -15.53 -2.74 -9.10
C ASN C 141 -16.34 -2.10 -7.97
N ASN C 142 -16.69 -0.81 -8.17
CA ASN C 142 -17.68 -0.10 -7.35
C ASN C 142 -17.50 -0.13 -5.83
N PHE C 143 -16.31 0.27 -5.35
CA PHE C 143 -16.10 0.15 -3.92
C PHE C 143 -15.83 1.52 -3.31
N TYR C 144 -15.97 1.58 -1.98
CA TYR C 144 -15.75 2.82 -1.24
C TYR C 144 -15.29 2.44 0.15
N PRO C 145 -14.36 3.18 0.76
CA PRO C 145 -13.60 4.30 0.21
C PRO C 145 -12.48 3.85 -0.75
N ARG C 146 -11.72 4.83 -1.24
CA ARG C 146 -10.77 4.61 -2.32
C ARG C 146 -9.63 3.67 -1.93
N GLU C 147 -9.21 3.70 -0.67
CA GLU C 147 -8.05 2.91 -0.25
C GLU C 147 -8.28 1.42 -0.49
N ALA C 148 -7.36 0.81 -1.22
CA ALA C 148 -7.46 -0.61 -1.55
C ALA C 148 -6.07 -1.11 -1.85
N LYS C 149 -5.84 -2.39 -1.60
CA LYS C 149 -4.53 -2.97 -1.87
C LYS C 149 -4.71 -4.21 -2.73
N VAL C 150 -3.96 -4.27 -3.82
CA VAL C 150 -3.99 -5.41 -4.73
C VAL C 150 -2.59 -5.98 -4.79
N GLN C 151 -2.48 -7.27 -4.54
CA GLN C 151 -1.19 -7.96 -4.61
C GLN C 151 -1.33 -9.14 -5.57
N TRP C 152 -0.32 -9.31 -6.39
CA TRP C 152 -0.24 -10.39 -7.36
C TRP C 152 0.64 -11.51 -6.80
N LYS C 153 0.14 -12.73 -6.90
CA LYS C 153 0.90 -13.90 -6.46
C LYS C 153 0.94 -14.89 -7.61
N VAL C 154 2.14 -15.33 -7.98
CA VAL C 154 2.30 -16.32 -9.04
C VAL C 154 2.96 -17.54 -8.42
N ASP C 155 2.22 -18.64 -8.41
CA ASP C 155 2.64 -19.90 -7.73
C ASP C 155 3.07 -19.57 -6.29
N ASN C 156 2.29 -18.72 -5.67
CA ASN C 156 2.36 -18.14 -4.33
C ASN C 156 3.62 -17.32 -4.11
N ALA C 157 4.25 -16.80 -5.16
CA ALA C 157 5.32 -15.82 -5.04
C ALA C 157 4.73 -14.43 -5.13
N LEU C 158 4.96 -13.58 -4.14
CA LEU C 158 4.51 -12.20 -4.26
C LEU C 158 5.29 -11.47 -5.34
N GLN C 159 4.57 -10.85 -6.28
CA GLN C 159 5.18 -10.11 -7.38
C GLN C 159 5.47 -8.66 -6.99
N SER C 160 6.52 -8.11 -7.58
CA SER C 160 6.78 -6.70 -7.35
C SER C 160 7.43 -6.10 -8.57
N GLY C 161 6.95 -4.92 -8.97
CA GLY C 161 7.53 -4.17 -10.06
C GLY C 161 7.05 -4.53 -11.46
N ASN C 162 6.18 -5.53 -11.60
CA ASN C 162 5.67 -5.96 -12.90
C ASN C 162 4.17 -5.73 -13.03
N SER C 163 3.59 -4.85 -12.21
CA SER C 163 2.17 -4.54 -12.29
C SER C 163 1.97 -3.03 -12.20
N GLN C 164 0.87 -2.57 -12.79
CA GLN C 164 0.50 -1.17 -12.80
C GLN C 164 -0.99 -1.06 -12.56
N GLU C 165 -1.43 -0.03 -11.86
CA GLU C 165 -2.85 0.09 -11.61
C GLU C 165 -3.35 1.50 -11.90
N SER C 166 -4.65 1.59 -12.12
CA SER C 166 -5.27 2.89 -12.31
C SER C 166 -6.66 2.85 -11.72
N VAL C 167 -7.12 4.01 -11.27
CA VAL C 167 -8.36 4.14 -10.53
C VAL C 167 -9.23 5.20 -11.20
N THR C 168 -10.54 4.97 -11.22
CA THR C 168 -11.46 5.94 -11.80
C THR C 168 -11.72 7.08 -10.83
N GLU C 169 -12.25 8.16 -11.39
CA GLU C 169 -12.76 9.23 -10.55
C GLU C 169 -14.03 8.76 -9.86
N GLN C 170 -14.36 9.43 -8.76
CA GLN C 170 -15.55 9.06 -8.00
C GLN C 170 -16.78 9.07 -8.91
N ASP C 171 -17.55 7.96 -8.90
CA ASP C 171 -18.68 7.87 -9.82
C ASP C 171 -19.71 8.93 -9.53
N SER C 172 -20.17 9.63 -10.57
CA SER C 172 -21.17 10.64 -10.28
C SER C 172 -22.52 10.08 -9.84
N LYS C 173 -22.89 8.84 -10.17
CA LYS C 173 -24.14 8.37 -9.58
C LYS C 173 -24.06 7.72 -8.19
N ASP C 174 -23.08 6.85 -7.91
CA ASP C 174 -23.06 6.20 -6.59
C ASP C 174 -21.86 6.51 -5.72
N SER C 175 -21.00 7.44 -6.12
CA SER C 175 -19.83 7.91 -5.38
C SER C 175 -18.85 6.78 -5.04
N THR C 176 -18.85 5.69 -5.82
CA THR C 176 -17.86 4.62 -5.74
C THR C 176 -16.61 4.90 -6.58
N TYR C 177 -15.59 4.08 -6.34
CA TYR C 177 -14.39 4.02 -7.16
C TYR C 177 -14.26 2.62 -7.74
N SER C 178 -13.53 2.52 -8.85
CA SER C 178 -13.16 1.24 -9.45
C SER C 178 -11.69 1.27 -9.79
N LEU C 179 -11.05 0.10 -9.78
CA LEU C 179 -9.61 0.03 -9.92
C LEU C 179 -9.26 -1.17 -10.79
N SER C 180 -8.27 -1.00 -11.65
CA SER C 180 -7.77 -2.09 -12.47
C SER C 180 -6.29 -2.25 -12.20
N SER C 181 -5.85 -3.49 -12.08
CA SER C 181 -4.44 -3.81 -11.86
C SER C 181 -4.04 -4.78 -12.96
N THR C 182 -2.97 -4.46 -13.67
CA THR C 182 -2.50 -5.28 -14.77
C THR C 182 -1.12 -5.83 -14.46
N LEU C 183 -0.99 -7.14 -14.48
CA LEU C 183 0.29 -7.81 -14.35
C LEU C 183 0.76 -8.19 -15.75
N THR C 184 1.97 -7.76 -16.12
CA THR C 184 2.50 -7.99 -17.46
C THR C 184 3.74 -8.86 -17.36
N LEU C 185 3.74 -9.94 -18.13
CA LEU C 185 4.86 -10.87 -18.17
C LEU C 185 5.11 -11.19 -19.63
N SER C 186 6.35 -11.58 -19.93
CA SER C 186 6.62 -12.10 -21.24
C SER C 186 5.96 -13.46 -21.35
N LYS C 187 5.72 -13.90 -22.59
CA LYS C 187 5.10 -15.21 -22.78
C LYS C 187 5.94 -16.32 -22.15
N ALA C 188 7.26 -16.27 -22.34
CA ALA C 188 8.11 -17.30 -21.75
C ALA C 188 8.01 -17.31 -20.23
N ASP C 189 7.99 -16.13 -19.60
CA ASP C 189 7.85 -16.10 -18.16
C ASP C 189 6.47 -16.59 -17.74
N TYR C 190 5.43 -16.18 -18.47
CA TYR C 190 4.07 -16.60 -18.14
C TYR C 190 3.94 -18.13 -18.17
N GLU C 191 4.58 -18.77 -19.15
CA GLU C 191 4.51 -20.22 -19.26
C GLU C 191 5.39 -20.96 -18.26
N LYS C 192 6.15 -20.23 -17.43
CA LYS C 192 6.91 -20.90 -16.38
C LYS C 192 6.14 -21.08 -15.07
N HIS C 193 4.93 -20.51 -14.91
CA HIS C 193 4.21 -20.88 -13.70
C HIS C 193 2.78 -21.28 -14.01
N LYS C 194 2.13 -22.03 -13.08
CA LYS C 194 0.71 -22.35 -13.24
C LYS C 194 -0.40 -21.45 -12.69
N VAL C 195 -0.24 -20.96 -11.47
CA VAL C 195 -1.34 -20.30 -10.76
C VAL C 195 -1.13 -18.80 -10.73
N TYR C 196 -2.10 -18.05 -11.22
CA TYR C 196 -2.08 -16.59 -11.17
C TYR C 196 -3.18 -16.11 -10.25
N ALA C 197 -2.82 -15.38 -9.19
CA ALA C 197 -3.77 -14.95 -8.17
C ALA C 197 -3.69 -13.44 -7.97
N CYS C 198 -4.87 -12.84 -7.78
CA CYS C 198 -5.04 -11.44 -7.37
C CYS C 198 -5.60 -11.45 -5.96
N GLU C 199 -4.86 -10.87 -5.01
CA GLU C 199 -5.28 -10.79 -3.61
C GLU C 199 -5.66 -9.35 -3.28
N VAL C 200 -6.91 -9.14 -2.90
CA VAL C 200 -7.48 -7.80 -2.69
C VAL C 200 -7.80 -7.57 -1.22
N THR C 201 -7.32 -6.44 -0.68
CA THR C 201 -7.58 -6.04 0.69
C THR C 201 -8.37 -4.73 0.65
N HIS C 202 -9.52 -4.71 1.30
CA HIS C 202 -10.35 -3.52 1.39
C HIS C 202 -11.17 -3.60 2.67
N GLN C 203 -11.37 -2.44 3.31
CA GLN C 203 -12.04 -2.42 4.62
C GLN C 203 -13.48 -2.96 4.57
N GLY C 204 -14.09 -3.01 3.38
CA GLY C 204 -15.42 -3.61 3.27
C GLY C 204 -15.42 -5.12 3.28
N LEU C 205 -14.23 -5.72 3.24
CA LEU C 205 -14.03 -7.17 3.22
C LEU C 205 -13.41 -7.62 4.55
N SER C 206 -14.15 -8.43 5.31
CA SER C 206 -13.60 -8.93 6.58
C SER C 206 -12.33 -9.75 6.36
N SER C 207 -12.27 -10.49 5.26
CA SER C 207 -11.06 -11.21 4.88
C SER C 207 -10.68 -10.79 3.48
N PRO C 208 -9.40 -10.73 3.16
CA PRO C 208 -9.01 -10.39 1.79
C PRO C 208 -9.51 -11.44 0.81
N VAL C 209 -9.80 -10.98 -0.40
CA VAL C 209 -10.38 -11.81 -1.45
C VAL C 209 -9.27 -12.26 -2.39
N THR C 210 -9.21 -13.57 -2.65
CA THR C 210 -8.27 -14.13 -3.61
C THR C 210 -9.07 -14.62 -4.81
N LYS C 211 -8.73 -14.10 -5.99
CA LYS C 211 -9.25 -14.58 -7.27
C LYS C 211 -8.08 -15.17 -8.06
N SER C 212 -8.22 -16.40 -8.53
CA SER C 212 -7.09 -17.04 -9.17
C SER C 212 -7.56 -17.92 -10.31
N PHE C 213 -6.60 -18.34 -11.13
CA PHE C 213 -6.85 -19.26 -12.24
C PHE C 213 -5.56 -20.02 -12.52
N ASN C 214 -5.71 -21.20 -13.13
CA ASN C 214 -4.60 -22.01 -13.60
C ASN C 214 -4.35 -21.69 -15.07
N ARG C 215 -3.12 -21.35 -15.42
CA ARG C 215 -2.77 -21.10 -16.80
C ARG C 215 -3.17 -22.29 -17.67
N GLY C 216 -3.83 -22.02 -18.78
CA GLY C 216 -4.27 -23.06 -19.69
C GLY C 216 -5.56 -23.72 -19.27
N GLN D 1 -14.02 41.59 -19.66
CA GLN D 1 -13.65 40.25 -19.22
C GLN D 1 -12.17 39.98 -19.56
N VAL D 2 -11.41 39.55 -18.55
CA VAL D 2 -10.03 39.13 -18.75
C VAL D 2 -10.04 37.75 -19.37
N GLN D 3 -9.27 37.57 -20.43
CA GLN D 3 -9.18 36.30 -21.11
C GLN D 3 -7.72 36.01 -21.47
N LEU D 4 -7.30 34.77 -21.21
CA LEU D 4 -5.95 34.30 -21.56
C LEU D 4 -6.14 33.02 -22.35
N VAL D 5 -5.79 33.06 -23.64
CA VAL D 5 -5.99 31.93 -24.55
C VAL D 5 -4.64 31.40 -25.00
N GLN D 6 -4.35 30.16 -24.68
CA GLN D 6 -3.09 29.51 -24.93
C GLN D 6 -3.12 28.68 -26.22
N SER D 7 -1.94 28.44 -26.76
CA SER D 7 -1.77 27.63 -27.96
C SER D 7 -2.05 26.15 -27.65
N GLY D 8 -2.20 25.37 -28.71
CA GLY D 8 -2.60 23.97 -28.64
C GLY D 8 -1.52 23.03 -28.11
N ALA D 9 -1.95 21.80 -27.83
CA ALA D 9 -1.07 20.78 -27.28
C ALA D 9 0.08 20.49 -28.23
N GLU D 10 1.22 20.08 -27.65
CA GLU D 10 2.41 19.74 -28.40
C GLU D 10 3.00 18.42 -27.92
N VAL D 11 3.47 17.61 -28.85
CA VAL D 11 4.18 16.37 -28.57
C VAL D 11 5.59 16.53 -29.10
N LYS D 12 6.58 16.36 -28.24
CA LYS D 12 7.96 16.66 -28.60
C LYS D 12 8.85 15.47 -28.26
N LYS D 13 9.98 15.38 -28.97
CA LYS D 13 11.01 14.40 -28.64
C LYS D 13 11.99 15.04 -27.67
N PRO D 14 12.67 14.24 -26.85
CA PRO D 14 13.68 14.80 -25.95
C PRO D 14 14.75 15.54 -26.73
N GLY D 15 15.21 16.67 -26.16
CA GLY D 15 16.20 17.48 -26.81
C GLY D 15 15.63 18.63 -27.61
N ALA D 16 14.35 18.56 -27.95
CA ALA D 16 13.64 19.57 -28.72
C ALA D 16 13.27 20.73 -27.80
N SER D 17 12.77 21.80 -28.42
CA SER D 17 12.28 22.96 -27.70
C SER D 17 10.80 23.15 -28.00
N VAL D 18 10.13 23.90 -27.14
CA VAL D 18 8.71 24.18 -27.29
C VAL D 18 8.45 25.61 -26.91
N LYS D 19 7.60 26.28 -27.67
CA LYS D 19 7.25 27.67 -27.41
C LYS D 19 5.74 27.75 -27.29
N VAL D 20 5.26 28.05 -26.10
CA VAL D 20 3.84 28.12 -25.81
C VAL D 20 3.42 29.59 -25.82
N SER D 21 2.26 29.89 -26.40
CA SER D 21 1.84 31.28 -26.35
C SER D 21 0.63 31.47 -25.45
N CYS D 22 0.50 32.70 -24.96
CA CYS D 22 -0.68 33.08 -24.18
C CYS D 22 -1.18 34.40 -24.75
N LYS D 23 -2.36 34.40 -25.36
CA LYS D 23 -2.94 35.61 -25.93
C LYS D 23 -3.86 36.26 -24.91
N ALA D 24 -3.55 37.48 -24.51
CA ALA D 24 -4.32 38.20 -23.52
C ALA D 24 -5.32 39.14 -24.18
N SER D 25 -6.50 39.26 -23.58
CA SER D 25 -7.49 40.23 -24.05
C SER D 25 -8.31 40.72 -22.88
N GLY D 26 -9.02 41.84 -23.10
CA GLY D 26 -9.90 42.40 -22.09
C GLY D 26 -9.32 43.45 -21.13
N TYR D 27 -8.03 43.74 -21.21
CA TYR D 27 -7.36 44.62 -20.25
C TYR D 27 -6.10 45.15 -20.90
N SER D 28 -5.42 46.08 -20.22
CA SER D 28 -4.18 46.61 -20.79
C SER D 28 -3.06 45.64 -20.44
N PHE D 29 -2.65 44.90 -21.48
CA PHE D 29 -1.63 43.86 -21.39
C PHE D 29 -0.35 44.35 -20.72
N THR D 30 0.08 45.58 -21.01
CA THR D 30 1.39 45.99 -20.51
C THR D 30 1.39 46.36 -19.05
N SER D 31 0.25 46.35 -18.36
CA SER D 31 0.22 46.87 -17.00
C SER D 31 0.30 45.78 -15.93
N TYR D 32 0.31 44.51 -16.31
CA TYR D 32 0.21 43.46 -15.31
C TYR D 32 1.26 42.38 -15.53
N TRP D 33 1.83 41.88 -14.42
CA TRP D 33 2.75 40.74 -14.51
C TRP D 33 2.02 39.54 -15.11
N MET D 34 2.73 38.82 -15.99
CA MET D 34 2.23 37.56 -16.56
C MET D 34 3.14 36.41 -16.13
N ASN D 35 2.56 35.48 -15.38
CA ASN D 35 3.27 34.33 -14.82
C ASN D 35 3.10 33.09 -15.68
N TRP D 36 4.04 32.16 -15.54
CA TRP D 36 3.99 30.83 -16.14
C TRP D 36 4.15 29.80 -15.04
N VAL D 37 3.29 28.77 -15.05
CA VAL D 37 3.23 27.72 -14.05
C VAL D 37 3.02 26.42 -14.82
N ARG D 38 3.52 25.31 -14.31
CA ARG D 38 3.17 24.03 -14.94
C ARG D 38 2.67 23.04 -13.89
N GLN D 39 1.95 22.01 -14.37
CA GLN D 39 1.51 20.92 -13.50
C GLN D 39 1.68 19.60 -14.25
N ALA D 40 2.43 18.70 -13.72
CA ALA D 40 2.44 17.42 -14.39
C ALA D 40 1.16 16.60 -14.09
N PRO D 41 0.88 15.57 -14.90
CA PRO D 41 -0.32 14.75 -14.68
C PRO D 41 -0.44 14.16 -13.28
N GLY D 42 -1.58 14.41 -12.63
CA GLY D 42 -1.75 14.01 -11.24
C GLY D 42 -0.81 14.63 -10.23
N GLN D 43 -0.21 15.79 -10.57
CA GLN D 43 0.92 16.49 -9.95
C GLN D 43 0.41 17.78 -9.41
N GLY D 44 1.23 18.36 -8.55
CA GLY D 44 1.00 19.69 -8.09
C GLY D 44 1.66 20.76 -8.96
N LEU D 45 1.58 21.97 -8.48
CA LEU D 45 1.83 23.15 -9.30
C LEU D 45 3.23 23.71 -9.05
N GLU D 46 3.90 24.13 -10.12
CA GLU D 46 5.28 24.58 -10.06
C GLU D 46 5.43 25.92 -10.80
N TRP D 47 5.85 26.98 -10.08
CA TRP D 47 6.05 28.23 -10.83
C TRP D 47 7.29 28.12 -11.71
N ILE D 48 7.17 28.58 -12.99
CA ILE D 48 8.33 28.75 -13.88
C ILE D 48 9.00 30.11 -13.85
N GLY D 49 8.20 31.17 -13.96
CA GLY D 49 8.77 32.50 -14.12
C GLY D 49 7.68 33.54 -14.33
N VAL D 50 8.13 34.78 -14.48
CA VAL D 50 7.21 35.91 -14.63
C VAL D 50 7.84 36.96 -15.54
N ILE D 51 7.00 37.70 -16.27
CA ILE D 51 7.49 38.80 -17.12
C ILE D 51 6.52 39.98 -16.96
N HIS D 52 7.08 41.20 -16.88
CA HIS D 52 6.20 42.36 -16.93
C HIS D 52 6.19 42.85 -18.36
N PRO D 53 5.08 42.85 -19.06
CA PRO D 53 5.16 43.13 -20.49
C PRO D 53 5.58 44.57 -20.82
N SER D 54 5.43 45.52 -19.89
CA SER D 54 5.78 46.89 -20.24
C SER D 54 7.24 47.05 -20.65
N ASP D 55 8.18 46.55 -19.84
CA ASP D 55 9.59 46.52 -20.22
C ASP D 55 10.25 45.15 -20.34
N SER D 56 9.47 44.08 -20.30
CA SER D 56 9.99 42.70 -20.36
C SER D 56 10.95 42.38 -19.21
N GLU D 57 10.82 43.04 -18.07
CA GLU D 57 11.53 42.60 -16.87
C GLU D 57 11.10 41.18 -16.54
N THR D 58 12.07 40.29 -16.31
CA THR D 58 11.77 38.88 -16.13
C THR D 58 12.46 38.34 -14.88
N TRP D 59 11.74 37.47 -14.17
CA TRP D 59 12.24 36.71 -13.02
C TRP D 59 11.93 35.24 -13.26
N LEU D 60 12.95 34.38 -13.22
CA LEU D 60 12.78 32.96 -13.47
C LEU D 60 13.08 32.17 -12.19
N ASP D 61 12.39 31.05 -12.04
CA ASP D 61 12.77 30.15 -10.96
C ASP D 61 14.13 29.53 -11.28
N GLN D 62 14.99 29.43 -10.25
CA GLN D 62 16.34 28.94 -10.51
C GLN D 62 16.35 27.58 -11.20
N LYS D 63 15.31 26.75 -11.01
CA LYS D 63 15.30 25.48 -11.69
C LYS D 63 15.19 25.61 -13.20
N PHE D 64 14.67 26.73 -13.69
CA PHE D 64 14.52 26.94 -15.12
C PHE D 64 15.36 28.09 -15.67
N LYS D 65 16.29 28.64 -14.88
CA LYS D 65 16.94 29.87 -15.32
C LYS D 65 17.72 29.64 -16.61
N ASP D 66 18.19 28.42 -16.83
CA ASP D 66 18.96 28.21 -18.03
C ASP D 66 18.29 27.44 -19.14
N ARG D 67 17.01 27.02 -19.02
CA ARG D 67 16.27 26.54 -20.15
C ARG D 67 15.08 27.33 -20.61
N VAL D 68 14.71 28.41 -19.93
CA VAL D 68 13.42 29.05 -20.21
C VAL D 68 13.68 30.46 -20.72
N THR D 69 12.97 30.84 -21.78
CA THR D 69 12.96 32.21 -22.27
C THR D 69 11.52 32.68 -22.29
N ILE D 70 11.23 33.77 -21.55
CA ILE D 70 9.89 34.36 -21.50
C ILE D 70 9.94 35.70 -22.21
N THR D 71 9.02 35.92 -23.15
CA THR D 71 9.01 37.13 -23.98
C THR D 71 7.58 37.59 -24.19
N VAL D 72 7.42 38.79 -24.74
CA VAL D 72 6.08 39.29 -25.05
C VAL D 72 6.09 40.00 -26.40
N ASP D 73 4.88 40.10 -26.97
CA ASP D 73 4.65 40.93 -28.15
C ASP D 73 3.51 41.88 -27.84
N LYS D 74 3.79 43.18 -27.86
CA LYS D 74 2.82 44.18 -27.40
C LYS D 74 1.65 44.31 -28.37
N SER D 75 1.92 44.37 -29.68
CA SER D 75 0.84 44.61 -30.64
C SER D 75 -0.20 43.51 -30.60
N THR D 76 0.22 42.27 -30.43
CA THR D 76 -0.70 41.14 -30.34
C THR D 76 -1.02 40.75 -28.91
N SER D 77 -0.54 41.51 -27.92
CA SER D 77 -0.81 41.25 -26.51
C SER D 77 -0.62 39.78 -26.14
N THR D 78 0.51 39.21 -26.58
CA THR D 78 0.78 37.79 -26.39
C THR D 78 2.08 37.60 -25.62
N ALA D 79 2.02 36.72 -24.62
CA ALA D 79 3.19 36.28 -23.86
C ALA D 79 3.60 34.90 -24.36
N TYR D 80 4.91 34.65 -24.32
CA TYR D 80 5.46 33.37 -24.78
C TYR D 80 6.40 32.81 -23.74
N MET D 81 6.45 31.48 -23.69
CA MET D 81 7.37 30.75 -22.84
C MET D 81 8.05 29.72 -23.73
N GLU D 82 9.37 29.82 -23.89
CA GLU D 82 10.11 28.84 -24.65
C GLU D 82 10.96 28.00 -23.71
N LEU D 83 10.72 26.67 -23.72
CA LEU D 83 11.43 25.70 -22.90
C LEU D 83 12.26 24.79 -23.80
N SER D 84 13.56 24.76 -23.59
CA SER D 84 14.57 24.14 -24.44
C SER D 84 15.16 22.91 -23.76
N SER D 85 15.79 22.06 -24.57
CA SER D 85 16.38 20.80 -24.09
C SER D 85 15.39 19.98 -23.27
N LEU D 86 14.22 19.79 -23.86
CA LEU D 86 13.13 19.09 -23.20
C LEU D 86 13.52 17.67 -22.82
N ARG D 87 13.00 17.23 -21.69
CA ARG D 87 13.15 15.85 -21.27
C ARG D 87 11.79 15.34 -20.82
N SER D 88 11.68 13.99 -20.74
CA SER D 88 10.40 13.38 -20.41
C SER D 88 9.79 13.94 -19.14
N GLU D 89 10.61 14.33 -18.16
CA GLU D 89 10.12 14.94 -16.93
C GLU D 89 9.49 16.31 -17.14
N ASP D 90 9.63 16.89 -18.33
CA ASP D 90 8.94 18.14 -18.64
C ASP D 90 7.52 17.93 -19.10
N THR D 91 7.06 16.68 -19.23
CA THR D 91 5.68 16.49 -19.62
C THR D 91 4.78 17.08 -18.56
N ALA D 92 3.93 18.03 -18.97
CA ALA D 92 3.15 18.79 -18.00
C ALA D 92 2.09 19.56 -18.77
N VAL D 93 1.09 20.07 -18.05
CA VAL D 93 0.24 21.12 -18.59
C VAL D 93 0.85 22.45 -18.16
N TYR D 94 1.13 23.32 -19.14
CA TYR D 94 1.77 24.62 -18.92
C TYR D 94 0.68 25.69 -18.95
N TYR D 95 0.71 26.61 -17.98
CA TYR D 95 -0.30 27.66 -17.80
C TYR D 95 0.36 29.02 -17.78
N CYS D 96 -0.31 29.99 -18.38
CA CYS D 96 -0.02 31.39 -18.09
C CYS D 96 -1.09 31.88 -17.11
N ALA D 97 -0.69 32.83 -16.26
CA ALA D 97 -1.60 33.33 -15.24
C ALA D 97 -1.23 34.77 -14.93
N ARG D 98 -2.24 35.62 -14.85
CA ARG D 98 -2.04 37.05 -14.67
C ARG D 98 -2.34 37.50 -13.25
N GLU D 99 -1.59 38.49 -12.78
CA GLU D 99 -1.76 38.94 -11.39
C GLU D 99 -3.03 39.77 -11.22
N HIS D 100 -3.49 39.85 -9.96
CA HIS D 100 -4.46 40.85 -9.55
C HIS D 100 -4.46 40.98 -8.03
N TYR D 101 -5.15 42.01 -7.58
CA TYR D 101 -5.46 42.46 -6.22
C TYR D 101 -4.21 42.79 -5.45
N GLY D 102 -3.15 43.08 -6.16
CA GLY D 102 -1.91 43.69 -5.89
C GLY D 102 -1.02 42.72 -5.12
N THR D 103 -1.58 41.61 -4.57
CA THR D 103 -0.84 40.47 -4.05
C THR D 103 -0.96 39.09 -4.66
N SER D 104 -1.75 38.90 -5.71
CA SER D 104 -2.08 37.52 -6.12
C SER D 104 -1.52 37.31 -7.52
N PRO D 105 -0.41 36.61 -7.69
CA PRO D 105 0.22 36.51 -9.04
C PRO D 105 -0.61 35.74 -10.06
N PHE D 106 -1.50 34.89 -9.58
CA PHE D 106 -2.19 33.80 -10.25
C PHE D 106 -3.67 34.02 -10.42
N ALA D 107 -4.15 35.25 -10.45
CA ALA D 107 -5.58 35.51 -10.24
C ALA D 107 -6.40 35.12 -11.47
N TYR D 108 -5.86 35.19 -12.70
CA TYR D 108 -6.57 34.77 -13.90
C TYR D 108 -5.68 33.77 -14.65
N TRP D 109 -6.26 32.69 -15.14
CA TRP D 109 -5.46 31.61 -15.73
C TRP D 109 -5.88 31.34 -17.16
N GLY D 110 -4.92 30.99 -18.01
CA GLY D 110 -5.24 30.45 -19.31
C GLY D 110 -5.72 29.01 -19.19
N GLN D 111 -6.17 28.43 -20.31
CA GLN D 111 -6.78 27.09 -20.27
C GLN D 111 -5.76 25.97 -20.17
N GLY D 112 -4.48 26.28 -20.25
CA GLY D 112 -3.44 25.26 -20.20
C GLY D 112 -3.07 24.75 -21.57
N THR D 113 -1.81 24.32 -21.68
CA THR D 113 -1.24 23.73 -22.89
C THR D 113 -0.53 22.45 -22.47
N LEU D 114 -0.97 21.31 -23.00
CA LEU D 114 -0.31 20.06 -22.66
C LEU D 114 0.91 19.90 -23.55
N VAL D 115 2.06 19.66 -22.93
CA VAL D 115 3.29 19.36 -23.65
C VAL D 115 3.73 17.98 -23.23
N THR D 116 3.72 17.03 -24.17
CA THR D 116 4.14 15.65 -23.91
C THR D 116 5.52 15.46 -24.53
N VAL D 117 6.49 15.06 -23.71
CA VAL D 117 7.87 14.86 -24.15
C VAL D 117 8.18 13.38 -24.05
N SER D 118 8.50 12.75 -25.18
CA SER D 118 8.75 11.31 -25.19
C SER D 118 9.53 10.94 -26.43
N SER D 119 10.33 9.88 -26.31
CA SER D 119 11.03 9.31 -27.45
C SER D 119 10.14 8.40 -28.28
N ALA D 120 8.93 8.12 -27.82
CA ALA D 120 8.02 7.24 -28.54
C ALA D 120 7.54 7.90 -29.83
N SER D 121 7.12 7.06 -30.77
CA SER D 121 6.53 7.49 -32.02
C SER D 121 5.06 7.09 -32.05
N THR D 122 4.29 7.80 -32.87
CA THR D 122 2.85 7.55 -32.96
C THR D 122 2.59 6.09 -33.31
N LYS D 123 1.73 5.46 -32.53
CA LYS D 123 1.44 4.05 -32.74
C LYS D 123 0.02 3.78 -32.27
N GLY D 124 -0.72 3.04 -33.08
CA GLY D 124 -2.07 2.63 -32.73
C GLY D 124 -2.05 1.46 -31.78
N PRO D 125 -3.12 1.27 -31.03
CA PRO D 125 -3.15 0.20 -30.03
C PRO D 125 -3.51 -1.15 -30.60
N SER D 126 -3.20 -2.17 -29.81
CA SER D 126 -3.75 -3.51 -30.01
C SER D 126 -4.85 -3.69 -28.98
N VAL D 127 -5.98 -4.23 -29.41
CA VAL D 127 -7.15 -4.39 -28.55
C VAL D 127 -7.35 -5.89 -28.30
N PHE D 128 -7.36 -6.27 -27.02
CA PHE D 128 -7.56 -7.66 -26.65
C PHE D 128 -8.79 -7.80 -25.76
N PRO D 129 -9.54 -8.88 -25.86
CA PRO D 129 -10.74 -8.99 -25.03
C PRO D 129 -10.38 -9.40 -23.60
N LEU D 130 -11.13 -8.87 -22.64
CA LEU D 130 -11.19 -9.46 -21.31
C LEU D 130 -12.49 -10.23 -21.28
N ALA D 131 -12.40 -11.54 -21.38
CA ALA D 131 -13.58 -12.37 -21.54
C ALA D 131 -14.35 -12.53 -20.23
N PRO D 132 -15.68 -12.53 -20.26
CA PRO D 132 -16.43 -12.94 -19.08
C PRO D 132 -16.38 -14.45 -18.92
N SER D 133 -16.34 -14.88 -17.66
CA SER D 133 -16.11 -16.26 -17.29
C SER D 133 -16.67 -16.47 -15.88
N SER D 134 -16.65 -17.72 -15.45
CA SER D 134 -17.07 -18.01 -14.08
C SER D 134 -16.17 -17.32 -13.06
N LYS D 135 -14.96 -16.89 -13.43
CA LYS D 135 -14.12 -16.10 -12.55
C LYS D 135 -14.26 -14.60 -12.75
N SER D 136 -15.19 -14.18 -13.60
CA SER D 136 -15.59 -12.79 -13.75
C SER D 136 -17.04 -12.55 -13.33
N THR D 137 -17.64 -13.45 -12.55
CA THR D 137 -19.04 -13.28 -12.17
C THR D 137 -19.14 -13.11 -10.66
N SER D 138 -20.07 -12.24 -10.25
CA SER D 138 -20.36 -12.00 -8.84
C SER D 138 -21.88 -11.89 -8.72
N GLY D 139 -22.47 -12.72 -7.88
CA GLY D 139 -23.92 -12.72 -7.79
C GLY D 139 -24.48 -13.18 -9.13
N GLY D 140 -25.32 -12.33 -9.73
CA GLY D 140 -25.81 -12.57 -11.07
C GLY D 140 -25.21 -11.60 -12.07
N THR D 141 -24.03 -11.08 -11.74
CA THR D 141 -23.36 -10.07 -12.56
C THR D 141 -22.05 -10.62 -13.10
N ALA D 142 -21.81 -10.38 -14.38
CA ALA D 142 -20.58 -10.73 -15.06
C ALA D 142 -19.85 -9.48 -15.50
N ALA D 143 -18.53 -9.52 -15.46
CA ALA D 143 -17.71 -8.42 -15.90
C ALA D 143 -16.95 -8.84 -17.14
N LEU D 144 -16.81 -7.91 -18.08
CA LEU D 144 -16.08 -8.16 -19.31
C LEU D 144 -15.47 -6.84 -19.74
N GLY D 145 -14.54 -6.89 -20.69
CA GLY D 145 -13.93 -5.65 -21.10
C GLY D 145 -12.99 -5.80 -22.27
N CYS D 146 -12.22 -4.74 -22.50
CA CYS D 146 -11.23 -4.69 -23.56
C CYS D 146 -9.95 -4.07 -23.01
N LEU D 147 -8.82 -4.69 -23.33
CA LEU D 147 -7.51 -4.16 -22.99
C LEU D 147 -6.95 -3.46 -24.21
N VAL D 148 -6.72 -2.16 -24.09
CA VAL D 148 -6.23 -1.32 -25.18
C VAL D 148 -4.76 -1.03 -24.90
N LYS D 149 -3.87 -1.69 -25.63
CA LYS D 149 -2.47 -1.82 -25.23
C LYS D 149 -1.53 -1.17 -26.24
N ASP D 150 -0.39 -0.65 -25.74
CA ASP D 150 0.69 -0.21 -26.63
C ASP D 150 0.40 0.84 -27.69
N TYR D 151 -0.19 1.97 -27.28
CA TYR D 151 -0.40 3.07 -28.21
C TYR D 151 0.22 4.36 -27.68
N PHE D 152 0.48 5.27 -28.61
CA PHE D 152 1.03 6.59 -28.29
C PHE D 152 0.60 7.56 -29.38
N PRO D 153 0.33 8.81 -29.03
CA PRO D 153 0.19 9.41 -27.71
C PRO D 153 -1.25 9.23 -27.27
N GLU D 154 -1.54 9.75 -26.09
CA GLU D 154 -2.91 9.84 -25.60
C GLU D 154 -3.69 10.84 -26.46
N PRO D 155 -5.03 10.73 -26.49
CA PRO D 155 -5.98 9.77 -25.93
C PRO D 155 -6.43 8.67 -26.85
N VAL D 156 -7.13 7.75 -26.23
CA VAL D 156 -7.89 6.72 -26.91
C VAL D 156 -9.30 6.86 -26.38
N THR D 157 -10.28 6.56 -27.22
CA THR D 157 -11.67 6.55 -26.80
C THR D 157 -12.25 5.15 -26.98
N VAL D 158 -13.11 4.76 -26.04
CA VAL D 158 -13.73 3.43 -26.06
C VAL D 158 -15.22 3.62 -25.83
N SER D 159 -16.02 3.01 -26.70
CA SER D 159 -17.45 2.91 -26.53
C SER D 159 -17.81 1.44 -26.56
N TRP D 160 -19.03 1.12 -26.14
CA TRP D 160 -19.50 -0.26 -26.11
C TRP D 160 -20.78 -0.35 -26.93
N ASN D 161 -20.83 -1.33 -27.82
CA ASN D 161 -21.97 -1.57 -28.72
C ASN D 161 -22.36 -0.28 -29.45
N SER D 162 -21.34 0.41 -29.98
CA SER D 162 -21.53 1.64 -30.75
C SER D 162 -22.28 2.70 -29.96
N GLY D 163 -22.09 2.69 -28.63
CA GLY D 163 -22.68 3.69 -27.76
C GLY D 163 -23.99 3.29 -27.14
N ALA D 164 -24.56 2.15 -27.55
CA ALA D 164 -25.83 1.72 -26.98
C ALA D 164 -25.70 1.14 -25.57
N LEU D 165 -24.50 0.75 -25.11
CA LEU D 165 -24.38 0.40 -23.71
C LEU D 165 -23.44 1.42 -23.06
N THR D 166 -23.99 2.30 -22.20
CA THR D 166 -23.19 3.02 -21.22
C THR D 166 -23.33 2.64 -19.76
N SER D 167 -24.35 1.89 -19.38
CA SER D 167 -24.55 1.56 -17.96
C SER D 167 -23.46 0.64 -17.44
N GLY D 168 -22.89 0.97 -16.29
CA GLY D 168 -21.93 0.05 -15.72
C GLY D 168 -20.56 0.05 -16.38
N VAL D 169 -20.31 0.94 -17.30
CA VAL D 169 -19.04 0.99 -18.01
C VAL D 169 -18.04 1.79 -17.18
N HIS D 170 -16.82 1.28 -17.10
CA HIS D 170 -15.70 2.01 -16.50
C HIS D 170 -14.52 1.95 -17.47
N THR D 171 -14.13 3.10 -17.98
CA THR D 171 -12.94 3.19 -18.81
C THR D 171 -11.87 3.88 -17.98
N PHE D 172 -10.81 3.15 -17.67
CA PHE D 172 -9.80 3.55 -16.71
C PHE D 172 -8.84 4.57 -17.31
N PRO D 173 -8.19 5.34 -16.45
CA PRO D 173 -7.13 6.21 -16.95
C PRO D 173 -5.99 5.37 -17.48
N ALA D 174 -5.37 5.85 -18.56
CA ALA D 174 -4.26 5.10 -19.12
C ALA D 174 -3.07 5.15 -18.18
N VAL D 175 -2.23 4.12 -18.26
CA VAL D 175 -0.96 4.09 -17.55
C VAL D 175 0.14 4.09 -18.59
N LEU D 176 1.25 4.72 -18.24
CA LEU D 176 2.41 4.79 -19.13
C LEU D 176 3.36 3.66 -18.75
N GLN D 177 3.57 2.74 -19.69
CA GLN D 177 4.46 1.62 -19.45
C GLN D 177 5.91 2.04 -19.63
N SER D 178 6.83 1.17 -19.17
CA SER D 178 8.26 1.47 -19.29
C SER D 178 8.71 1.57 -20.73
N SER D 179 7.96 0.96 -21.67
CA SER D 179 8.29 1.02 -23.08
C SER D 179 8.06 2.39 -23.68
N GLY D 180 7.38 3.28 -22.96
CA GLY D 180 6.99 4.57 -23.47
C GLY D 180 5.60 4.58 -24.07
N LEU D 181 4.94 3.42 -24.13
CA LEU D 181 3.60 3.31 -24.70
C LEU D 181 2.56 3.22 -23.59
N TYR D 182 1.36 3.70 -23.90
CA TYR D 182 0.25 3.68 -22.96
C TYR D 182 -0.54 2.38 -23.07
N SER D 183 -1.35 2.11 -22.03
CA SER D 183 -2.22 0.95 -21.96
C SER D 183 -3.38 1.33 -21.07
N LEU D 184 -4.58 0.89 -21.43
CA LEU D 184 -5.72 1.07 -20.56
C LEU D 184 -6.73 -0.03 -20.81
N SER D 185 -7.61 -0.21 -19.85
CA SER D 185 -8.69 -1.17 -19.95
C SER D 185 -10.02 -0.45 -19.81
N SER D 186 -11.03 -0.99 -20.48
CA SER D 186 -12.40 -0.54 -20.39
C SER D 186 -13.23 -1.76 -20.05
N VAL D 187 -14.04 -1.67 -18.99
CA VAL D 187 -14.81 -2.81 -18.51
C VAL D 187 -16.29 -2.42 -18.38
N VAL D 188 -17.13 -3.44 -18.34
CA VAL D 188 -18.56 -3.22 -18.15
C VAL D 188 -19.11 -4.46 -17.45
N THR D 189 -20.03 -4.23 -16.52
CA THR D 189 -20.69 -5.31 -15.82
C THR D 189 -22.10 -5.44 -16.37
N VAL D 190 -22.47 -6.68 -16.69
CA VAL D 190 -23.74 -6.97 -17.37
C VAL D 190 -24.39 -8.16 -16.68
N PRO D 191 -25.66 -8.44 -16.94
CA PRO D 191 -26.28 -9.65 -16.37
C PRO D 191 -25.63 -10.91 -16.91
N SER D 192 -25.24 -11.80 -15.99
CA SER D 192 -24.63 -13.06 -16.41
C SER D 192 -25.60 -13.88 -17.25
N SER D 193 -26.90 -13.70 -17.05
CA SER D 193 -27.91 -14.40 -17.83
C SER D 193 -27.99 -13.91 -19.27
N SER D 194 -27.36 -12.78 -19.58
CA SER D 194 -27.43 -12.23 -20.93
C SER D 194 -26.27 -12.70 -21.80
N LEU D 195 -25.27 -13.36 -21.21
CA LEU D 195 -24.08 -13.65 -21.97
C LEU D 195 -24.36 -14.51 -23.20
N GLY D 196 -25.32 -15.44 -23.11
CA GLY D 196 -25.50 -16.24 -24.32
C GLY D 196 -26.35 -15.63 -25.41
N THR D 197 -27.18 -14.61 -25.12
CA THR D 197 -27.90 -13.95 -26.20
C THR D 197 -27.45 -12.54 -26.57
N GLN D 198 -26.63 -11.90 -25.76
CA GLN D 198 -26.26 -10.51 -25.99
C GLN D 198 -24.84 -10.45 -26.55
N THR D 199 -24.65 -9.69 -27.63
CA THR D 199 -23.32 -9.45 -28.16
C THR D 199 -22.73 -8.19 -27.54
N TYR D 200 -21.45 -8.27 -27.17
CA TYR D 200 -20.70 -7.17 -26.56
C TYR D 200 -19.47 -6.88 -27.41
N ILE D 201 -19.41 -5.66 -27.95
CA ILE D 201 -18.32 -5.21 -28.82
C ILE D 201 -17.80 -3.90 -28.28
N CYS D 202 -16.49 -3.80 -28.10
CA CYS D 202 -15.89 -2.53 -27.70
C CYS D 202 -15.37 -1.83 -28.95
N ASN D 203 -15.66 -0.53 -29.04
CA ASN D 203 -15.26 0.29 -30.19
C ASN D 203 -14.12 1.21 -29.76
N VAL D 204 -12.93 0.95 -30.28
CA VAL D 204 -11.72 1.66 -29.88
C VAL D 204 -11.31 2.60 -31.01
N ASN D 205 -10.99 3.83 -30.66
CA ASN D 205 -10.52 4.80 -31.66
C ASN D 205 -9.28 5.47 -31.09
N HIS D 206 -8.17 5.48 -31.85
CA HIS D 206 -7.07 6.36 -31.53
C HIS D 206 -6.94 7.29 -32.73
N LYS D 207 -7.36 8.53 -32.57
CA LYS D 207 -7.23 9.48 -33.67
C LYS D 207 -5.80 9.78 -34.12
N PRO D 208 -4.80 9.86 -33.24
CA PRO D 208 -3.45 10.20 -33.69
C PRO D 208 -2.88 9.29 -34.75
N SER D 209 -3.25 8.01 -34.72
CA SER D 209 -2.79 7.05 -35.69
C SER D 209 -3.86 6.66 -36.68
N ASN D 210 -5.04 7.29 -36.63
CA ASN D 210 -6.17 6.92 -37.49
C ASN D 210 -6.55 5.45 -37.31
N THR D 211 -6.47 4.95 -36.08
CA THR D 211 -6.76 3.56 -35.81
C THR D 211 -8.17 3.47 -35.24
N LYS D 212 -8.96 2.56 -35.81
CA LYS D 212 -10.32 2.25 -35.33
C LYS D 212 -10.43 0.74 -35.27
N VAL D 213 -10.76 0.21 -34.09
CA VAL D 213 -10.81 -1.23 -33.89
C VAL D 213 -12.09 -1.56 -33.12
N ASP D 214 -12.82 -2.55 -33.59
CA ASP D 214 -13.98 -3.11 -32.91
C ASP D 214 -13.63 -4.55 -32.54
N LYS D 215 -13.76 -4.89 -31.26
CA LYS D 215 -13.43 -6.23 -30.79
C LYS D 215 -14.65 -6.85 -30.11
N LYS D 216 -15.06 -8.02 -30.60
CA LYS D 216 -16.16 -8.73 -29.95
C LYS D 216 -15.57 -9.45 -28.73
N VAL D 217 -16.28 -9.35 -27.61
CA VAL D 217 -15.85 -9.95 -26.35
C VAL D 217 -16.84 -11.05 -26.00
N GLU D 218 -16.36 -12.30 -26.03
CA GLU D 218 -17.16 -13.51 -25.87
C GLU D 218 -16.65 -14.34 -24.69
N PRO D 219 -17.56 -14.99 -23.94
CA PRO D 219 -17.10 -15.92 -22.91
C PRO D 219 -16.35 -17.06 -23.57
N LYS D 220 -15.35 -17.59 -22.87
CA LYS D 220 -14.50 -18.62 -23.45
C LYS D 220 -15.02 -20.02 -23.10
N SER D 221 -15.02 -20.91 -24.11
CA SER D 221 -15.47 -22.29 -23.91
C SER D 221 -14.31 -23.28 -23.94
N TRP E 7 10.29 54.78 -6.34
CA TRP E 7 9.80 55.56 -7.46
C TRP E 7 8.28 55.52 -7.50
N ASN E 8 7.69 56.68 -7.76
CA ASN E 8 6.23 56.86 -7.76
C ASN E 8 5.57 56.33 -6.49
N PRO E 9 6.01 56.78 -5.31
CA PRO E 9 5.32 56.39 -4.09
C PRO E 9 4.06 57.20 -3.91
N PRO E 10 3.12 56.75 -3.08
CA PRO E 10 1.94 57.58 -2.83
C PRO E 10 2.38 58.80 -2.03
N THR E 11 1.55 59.85 -2.08
CA THR E 11 1.76 61.01 -1.22
C THR E 11 0.64 61.08 -0.19
N PHE E 12 0.94 61.71 0.94
CA PHE E 12 0.04 61.71 2.08
C PHE E 12 -0.05 63.13 2.62
N SER E 13 -1.26 63.67 2.74
CA SER E 13 -1.42 65.06 3.13
C SER E 13 -2.65 65.25 4.03
N PRO E 14 -2.65 66.29 4.87
CA PRO E 14 -1.60 67.30 5.06
C PRO E 14 -0.47 66.82 5.96
N ALA E 15 0.70 67.47 5.88
CA ALA E 15 1.84 67.06 6.70
C ALA E 15 1.54 67.21 8.18
N LEU E 16 0.78 68.24 8.55
CA LEU E 16 0.32 68.40 9.94
C LEU E 16 -1.18 68.67 9.89
N LEU E 17 -1.94 67.73 10.45
CA LEU E 17 -3.39 67.80 10.54
C LEU E 17 -3.74 68.02 12.01
N VAL E 18 -4.39 69.13 12.31
CA VAL E 18 -4.80 69.42 13.69
C VAL E 18 -6.31 69.53 13.71
N VAL E 19 -6.95 68.68 14.52
CA VAL E 19 -8.40 68.64 14.68
C VAL E 19 -8.72 68.65 16.18
N THR E 20 -9.99 68.85 16.48
CA THR E 20 -10.45 68.90 17.85
C THR E 20 -11.14 67.59 18.24
N GLU E 21 -10.99 67.21 19.51
CA GLU E 21 -11.54 65.97 20.03
C GLU E 21 -13.03 65.84 19.71
N GLY E 22 -13.41 64.65 19.25
CA GLY E 22 -14.78 64.37 18.87
C GLY E 22 -15.05 64.57 17.39
N ASP E 23 -14.26 65.43 16.74
CA ASP E 23 -14.38 65.69 15.32
C ASP E 23 -13.73 64.58 14.52
N ASN E 24 -13.98 64.59 13.21
CA ASN E 24 -13.37 63.64 12.31
C ASN E 24 -12.08 64.24 11.74
N ALA E 25 -11.07 63.39 11.56
CA ALA E 25 -9.80 63.75 10.98
C ALA E 25 -9.62 62.99 9.66
N THR E 26 -9.27 63.71 8.60
CA THR E 26 -9.21 63.08 7.29
C THR E 26 -7.92 63.47 6.58
N PHE E 27 -7.08 62.47 6.32
CA PHE E 27 -5.91 62.56 5.48
C PHE E 27 -6.28 62.21 4.04
N THR E 28 -5.45 62.65 3.10
CA THR E 28 -5.65 62.34 1.69
C THR E 28 -4.39 61.69 1.16
N CYS E 29 -4.53 60.44 0.69
CA CYS E 29 -3.44 59.70 0.07
C CYS E 29 -3.65 59.73 -1.44
N SER E 30 -2.64 60.19 -2.18
CA SER E 30 -2.70 60.26 -3.64
C SER E 30 -1.74 59.23 -4.23
N PHE E 31 -2.28 58.31 -5.02
CA PHE E 31 -1.47 57.26 -5.62
C PHE E 31 -1.82 57.16 -7.09
N SER E 32 -0.84 57.42 -7.96
CA SER E 32 -1.07 57.28 -9.38
C SER E 32 -0.71 55.86 -9.77
N ASN E 33 -1.73 55.03 -9.94
CA ASN E 33 -1.57 53.63 -10.28
C ASN E 33 -1.48 53.46 -11.79
N THR E 34 -0.66 52.52 -12.23
CA THR E 34 -0.63 52.15 -13.63
C THR E 34 -1.52 50.94 -13.90
N SER E 35 -1.85 50.19 -12.86
CA SER E 35 -2.73 49.04 -13.02
C SER E 35 -3.67 49.00 -11.83
N GLU E 36 -4.68 48.15 -11.92
CA GLU E 36 -5.55 47.96 -10.78
C GLU E 36 -5.03 46.91 -9.81
N SER E 37 -3.88 46.27 -10.06
CA SER E 37 -3.44 45.36 -9.00
C SER E 37 -2.54 46.18 -8.08
N PHE E 38 -3.14 46.61 -6.97
CA PHE E 38 -2.47 47.25 -5.85
C PHE E 38 -3.42 47.11 -4.68
N VAL E 39 -2.88 47.28 -3.48
CA VAL E 39 -3.63 47.51 -2.25
C VAL E 39 -3.06 48.74 -1.57
N LEU E 40 -3.93 49.63 -1.09
CA LEU E 40 -3.47 50.86 -0.45
C LEU E 40 -3.83 50.79 1.02
N ASN E 41 -2.82 50.79 1.88
CA ASN E 41 -3.00 50.66 3.32
C ASN E 41 -2.74 51.99 4.02
N TRP E 42 -3.46 52.17 5.12
CA TRP E 42 -3.29 53.29 6.03
C TRP E 42 -2.67 52.75 7.32
N TYR E 43 -1.54 53.34 7.73
CA TYR E 43 -0.79 52.89 8.88
C TYR E 43 -0.63 53.99 9.90
N ARG E 44 -0.47 53.58 11.15
CA ARG E 44 -0.13 54.43 12.28
C ARG E 44 1.21 53.95 12.84
N MET E 45 2.12 54.88 13.09
CA MET E 45 3.44 54.54 13.61
C MET E 45 3.34 54.37 15.13
N SER E 46 3.58 53.15 15.60
CA SER E 46 3.48 52.79 17.01
C SER E 46 4.35 53.67 17.87
N THR E 51 4.91 50.20 12.53
CA THR E 51 3.73 50.48 11.73
C THR E 51 2.58 49.51 12.04
N ASP E 52 1.39 50.06 12.27
CA ASP E 52 0.19 49.27 12.55
C ASP E 52 -0.85 49.57 11.47
N LYS E 53 -1.35 48.53 10.78
CA LYS E 53 -2.33 48.80 9.73
C LYS E 53 -3.68 49.20 10.34
N LEU E 54 -4.21 50.36 9.93
CA LEU E 54 -5.55 50.73 10.35
C LEU E 54 -6.71 50.37 9.43
N ALA E 55 -6.49 50.40 8.12
CA ALA E 55 -7.54 50.22 7.13
C ALA E 55 -6.88 49.93 5.78
N ALA E 56 -7.68 49.56 4.79
CA ALA E 56 -7.15 49.25 3.47
C ALA E 56 -8.16 49.60 2.39
N PHE E 57 -7.63 49.83 1.17
CA PHE E 57 -8.42 49.92 -0.05
C PHE E 57 -7.81 48.94 -1.06
N PRO E 58 -8.59 48.02 -1.63
CA PRO E 58 -10.00 47.80 -1.33
C PRO E 58 -10.19 47.31 0.09
N GLU E 59 -11.37 47.56 0.63
CA GLU E 59 -11.65 47.21 2.02
C GLU E 59 -11.54 45.71 2.22
N ASP E 60 -10.95 45.32 3.34
CA ASP E 60 -10.87 43.92 3.67
C ASP E 60 -12.27 43.38 3.90
N ARG E 61 -12.42 42.08 3.67
CA ARG E 61 -13.70 41.42 3.84
C ARG E 61 -14.32 41.77 5.18
N SER E 62 -15.58 42.13 5.14
CA SER E 62 -16.33 42.53 6.32
C SER E 62 -16.57 41.33 7.23
N GLN E 63 -16.70 41.59 8.52
CA GLN E 63 -16.74 40.61 9.58
C GLN E 63 -17.74 41.06 10.64
N PRO E 64 -18.43 40.16 11.27
CA PRO E 64 -19.38 40.60 12.30
C PRO E 64 -18.82 40.57 13.73
N ASP E 67 -18.24 49.33 12.52
CA ASP E 67 -17.38 48.30 13.11
C ASP E 67 -15.94 48.80 13.32
N SER E 68 -15.51 49.74 12.48
CA SER E 68 -14.18 50.33 12.60
C SER E 68 -14.27 51.84 12.51
N ARG E 69 -13.44 52.53 13.28
CA ARG E 69 -13.38 53.98 13.23
C ARG E 69 -12.58 54.49 12.04
N PHE E 70 -11.81 53.62 11.40
CA PHE E 70 -10.91 53.97 10.32
C PHE E 70 -11.44 53.44 9.00
N ARG E 71 -11.37 54.26 7.95
CA ARG E 71 -11.85 53.86 6.63
C ARG E 71 -11.02 54.54 5.55
N VAL E 72 -10.82 53.81 4.46
CA VAL E 72 -10.18 54.32 3.26
C VAL E 72 -11.23 54.33 2.16
N THR E 73 -11.50 55.53 1.63
CA THR E 73 -12.54 55.71 0.62
C THR E 73 -11.87 56.22 -0.65
N GLN E 74 -12.14 55.58 -1.77
CA GLN E 74 -11.59 56.01 -3.04
C GLN E 74 -12.46 57.12 -3.60
N LEU E 75 -11.84 58.30 -3.86
CA LEU E 75 -12.56 59.43 -4.38
C LEU E 75 -12.88 59.25 -5.87
N PRO E 76 -13.94 59.91 -6.36
CA PRO E 76 -14.33 59.74 -7.78
C PRO E 76 -13.21 59.87 -8.80
N ASN E 77 -12.23 60.76 -8.60
CA ASN E 77 -11.17 60.78 -9.61
C ASN E 77 -10.24 59.56 -9.54
N GLY E 78 -10.43 58.69 -8.55
CA GLY E 78 -9.85 57.38 -8.49
C GLY E 78 -8.39 57.40 -8.07
N ARG E 79 -7.76 58.59 -8.09
CA ARG E 79 -6.37 58.76 -7.69
C ARG E 79 -6.18 59.24 -6.26
N ASP E 80 -7.23 59.84 -5.69
CA ASP E 80 -7.22 60.33 -4.33
C ASP E 80 -7.99 59.38 -3.44
N PHE E 81 -7.50 59.22 -2.21
CA PHE E 81 -8.16 58.35 -1.25
C PHE E 81 -8.30 59.14 0.04
N HIS E 82 -9.47 59.15 0.61
CA HIS E 82 -9.66 59.73 1.93
C HIS E 82 -9.39 58.65 2.96
N MET E 83 -8.51 58.94 3.89
CA MET E 83 -8.26 58.09 5.05
C MET E 83 -8.78 58.83 6.28
N SER E 84 -9.91 58.38 6.82
CA SER E 84 -10.65 59.16 7.82
C SER E 84 -10.64 58.50 9.20
N VAL E 85 -10.54 59.36 10.21
CA VAL E 85 -10.64 59.06 11.63
C VAL E 85 -11.96 59.66 12.08
N VAL E 86 -12.91 58.85 12.46
CA VAL E 86 -14.20 59.35 12.94
C VAL E 86 -14.15 59.41 14.46
N ARG E 87 -14.75 60.47 15.03
CA ARG E 87 -14.74 60.67 16.48
C ARG E 87 -13.33 60.63 17.07
N ALA E 88 -12.45 61.44 16.49
CA ALA E 88 -11.04 61.43 16.87
C ALA E 88 -10.86 61.69 18.36
N ARG E 89 -9.97 60.91 18.97
CA ARG E 89 -9.65 60.99 20.38
C ARG E 89 -8.28 61.61 20.56
N ARG E 90 -8.06 62.18 21.76
CA ARG E 90 -6.78 62.81 22.04
C ARG E 90 -5.61 61.85 21.85
N ASN E 91 -5.81 60.57 22.17
CA ASN E 91 -4.74 59.59 21.96
C ASN E 91 -4.64 59.10 20.51
N ASP E 92 -5.43 59.67 19.59
CA ASP E 92 -5.20 59.42 18.16
C ASP E 92 -4.04 60.24 17.63
N SER E 93 -3.58 61.24 18.39
CA SER E 93 -2.45 62.05 17.98
C SER E 93 -1.22 61.18 17.75
N GLY E 94 -0.54 61.40 16.63
CA GLY E 94 0.64 60.62 16.36
C GLY E 94 1.04 60.76 14.90
N THR E 95 1.84 59.80 14.46
CA THR E 95 2.40 59.78 13.11
C THR E 95 1.70 58.74 12.25
N TYR E 96 1.29 59.15 11.05
CA TYR E 96 0.57 58.29 10.11
C TYR E 96 1.22 58.32 8.73
N LEU E 97 0.85 57.35 7.90
CA LEU E 97 1.38 57.23 6.53
C LEU E 97 0.48 56.27 5.76
N CYS E 98 0.60 56.31 4.44
CA CYS E 98 -0.06 55.29 3.63
C CYS E 98 1.01 54.53 2.86
N GLY E 99 0.69 53.29 2.51
CA GLY E 99 1.61 52.57 1.68
C GLY E 99 0.90 51.78 0.61
N ALA E 100 1.51 51.69 -0.56
CA ALA E 100 0.97 50.93 -1.67
C ALA E 100 1.66 49.59 -1.72
N ILE E 101 0.86 48.53 -1.74
CA ILE E 101 1.33 47.14 -1.80
C ILE E 101 1.18 46.65 -3.23
N SER E 102 2.21 45.98 -3.75
CA SER E 102 2.16 45.44 -5.11
C SER E 102 3.15 44.29 -5.22
N LEU E 103 3.13 43.59 -6.37
CA LEU E 103 4.12 42.54 -6.57
C LEU E 103 5.29 43.13 -7.36
N ALA E 104 6.50 42.97 -6.81
CA ALA E 104 7.89 43.25 -7.22
C ALA E 104 8.61 42.50 -8.34
N PRO E 105 8.42 41.17 -8.50
CA PRO E 105 7.33 40.25 -8.14
C PRO E 105 7.13 39.84 -6.68
N LYS E 106 8.10 39.98 -5.79
CA LYS E 106 7.78 39.66 -4.41
C LYS E 106 6.84 40.72 -3.86
N ALA E 107 6.16 40.40 -2.77
CA ALA E 107 5.29 41.41 -2.16
C ALA E 107 6.15 42.57 -1.68
N GLN E 108 5.73 43.79 -2.04
CA GLN E 108 6.54 44.98 -1.80
C GLN E 108 5.63 46.12 -1.34
N ILE E 109 6.20 47.04 -0.57
CA ILE E 109 5.48 48.23 -0.15
C ILE E 109 6.25 49.46 -0.62
N LYS E 110 5.49 50.49 -0.97
CA LYS E 110 6.04 51.81 -1.24
C LYS E 110 5.33 52.76 -0.28
N GLU E 111 6.07 53.28 0.68
CA GLU E 111 5.50 54.11 1.73
C GLU E 111 5.49 55.57 1.30
N SER E 112 4.47 56.28 1.77
CA SER E 112 4.42 57.72 1.59
C SER E 112 5.30 58.35 2.66
N LEU E 113 5.55 59.65 2.50
CA LEU E 113 6.18 60.36 3.60
C LEU E 113 5.21 60.40 4.77
N ARG E 114 5.78 60.57 5.97
CA ARG E 114 4.95 60.54 7.16
C ARG E 114 4.24 61.88 7.35
N ALA E 115 3.07 61.81 7.97
CA ALA E 115 2.27 62.97 8.34
C ALA E 115 1.93 62.88 9.82
N GLU E 116 1.70 64.03 10.44
CA GLU E 116 1.42 64.08 11.86
C GLU E 116 -0.01 64.52 12.08
N LEU E 117 -0.68 63.87 13.05
CA LEU E 117 -2.04 64.20 13.44
C LEU E 117 -2.03 64.67 14.88
N ARG E 118 -2.64 65.83 15.15
CA ARG E 118 -2.73 66.37 16.50
C ARG E 118 -4.21 66.56 16.82
N VAL E 119 -4.64 65.97 17.92
CA VAL E 119 -6.02 66.09 18.41
C VAL E 119 -5.99 66.94 19.67
N THR E 120 -6.74 68.04 19.67
CA THR E 120 -6.73 69.00 20.76
C THR E 120 -8.04 68.99 21.54
N GLU E 121 -7.94 69.33 22.83
CA GLU E 121 -9.09 69.43 23.72
C GLU E 121 -10.09 70.48 23.23
N ARG E 122 -11.37 70.22 23.48
CA ARG E 122 -12.43 71.12 23.08
C ARG E 122 -12.24 72.52 23.69
N ARG E 123 -12.49 73.54 22.86
CA ARG E 123 -12.36 74.94 23.25
C ARG E 123 -13.37 75.33 24.33
N PRO F 9 4.55 -57.44 -1.96
CA PRO F 9 3.14 -57.04 -1.83
C PRO F 9 2.37 -57.91 -0.85
N PRO F 10 1.31 -57.37 -0.25
CA PRO F 10 0.52 -58.17 0.69
C PRO F 10 -0.16 -59.33 -0.03
N THR F 11 -0.46 -60.38 0.73
CA THR F 11 -1.25 -61.50 0.25
C THR F 11 -2.63 -61.45 0.87
N PHE F 12 -3.60 -61.98 0.15
CA PHE F 12 -5.00 -61.84 0.54
C PHE F 12 -5.65 -63.21 0.36
N SER F 13 -6.18 -63.76 1.44
CA SER F 13 -6.70 -65.11 1.44
C SER F 13 -8.00 -65.17 2.23
N PRO F 14 -8.86 -66.17 1.96
CA PRO F 14 -8.70 -67.20 0.92
C PRO F 14 -9.11 -66.65 -0.42
N ALA F 15 -8.68 -67.28 -1.51
CA ALA F 15 -8.98 -66.77 -2.83
C ALA F 15 -10.47 -66.82 -3.13
N LEU F 16 -11.21 -67.69 -2.44
CA LEU F 16 -12.65 -67.84 -2.61
C LEU F 16 -13.28 -68.05 -1.25
N LEU F 17 -14.26 -67.22 -0.92
CA LEU F 17 -15.00 -67.31 0.33
C LEU F 17 -16.48 -67.28 0.00
N VAL F 18 -17.20 -68.31 0.42
CA VAL F 18 -18.63 -68.44 0.16
C VAL F 18 -19.35 -68.46 1.49
N VAL F 19 -20.26 -67.50 1.70
CA VAL F 19 -21.03 -67.43 2.94
C VAL F 19 -22.49 -67.21 2.57
N THR F 20 -23.36 -67.31 3.58
CA THR F 20 -24.80 -67.16 3.43
C THR F 20 -25.23 -65.76 3.87
N GLU F 21 -26.29 -65.25 3.23
CA GLU F 21 -26.81 -63.93 3.58
C GLU F 21 -27.00 -63.78 5.08
N GLY F 22 -26.53 -62.66 5.63
CA GLY F 22 -26.59 -62.43 7.05
C GLY F 22 -25.38 -62.89 7.84
N ASP F 23 -24.52 -63.71 7.24
CA ASP F 23 -23.33 -64.23 7.90
C ASP F 23 -22.21 -63.20 7.92
N ASN F 24 -21.18 -63.55 8.67
CA ASN F 24 -19.94 -62.79 8.67
C ASN F 24 -18.97 -63.47 7.71
N ALA F 25 -18.11 -62.65 7.10
CA ALA F 25 -17.07 -63.10 6.19
C ALA F 25 -15.77 -62.39 6.54
N THR F 26 -14.68 -63.16 6.59
CA THR F 26 -13.39 -62.62 7.00
C THR F 26 -12.29 -63.09 6.06
N PHE F 27 -11.63 -62.14 5.42
CA PHE F 27 -10.43 -62.39 4.65
C PHE F 27 -9.22 -62.01 5.52
N THR F 28 -8.07 -62.59 5.20
CA THR F 28 -6.84 -62.28 5.90
C THR F 28 -5.86 -61.66 4.92
N CYS F 29 -5.40 -60.45 5.25
CA CYS F 29 -4.38 -59.74 4.49
C CYS F 29 -3.09 -59.85 5.29
N SER F 30 -2.07 -60.46 4.71
CA SER F 30 -0.78 -60.58 5.37
C SER F 30 0.18 -59.60 4.72
N PHE F 31 0.71 -58.70 5.53
CA PHE F 31 1.63 -57.68 5.02
C PHE F 31 2.80 -57.56 5.99
N SER F 32 4.01 -57.83 5.51
CA SER F 32 5.18 -57.64 6.36
C SER F 32 5.60 -56.18 6.25
N ASN F 33 5.34 -55.41 7.30
CA ASN F 33 5.63 -53.99 7.29
C ASN F 33 7.03 -53.73 7.83
N THR F 34 7.73 -52.78 7.22
CA THR F 34 9.05 -52.39 7.70
C THR F 34 9.01 -51.25 8.71
N SER F 35 7.85 -50.65 8.91
CA SER F 35 7.70 -49.47 9.76
C SER F 35 6.24 -49.35 10.13
N GLU F 36 5.95 -48.41 11.01
CA GLU F 36 4.56 -48.13 11.28
C GLU F 36 3.96 -47.16 10.28
N SER F 37 4.75 -46.58 9.35
CA SER F 37 4.09 -45.70 8.41
C SER F 37 3.68 -46.55 7.21
N PHE F 38 2.41 -46.91 7.19
CA PHE F 38 1.69 -47.55 6.11
C PHE F 38 0.22 -47.40 6.42
N VAL F 39 -0.61 -47.45 5.40
CA VAL F 39 -2.04 -47.59 5.59
C VAL F 39 -2.46 -48.81 4.78
N LEU F 40 -3.18 -49.73 5.42
CA LEU F 40 -3.63 -50.96 4.79
C LEU F 40 -5.11 -50.81 4.47
N ASN F 41 -5.43 -50.74 3.19
CA ASN F 41 -6.80 -50.55 2.75
C ASN F 41 -7.40 -51.83 2.20
N TRP F 42 -8.70 -51.97 2.41
CA TRP F 42 -9.52 -53.03 1.87
C TRP F 42 -10.36 -52.46 0.74
N TYR F 43 -10.29 -53.08 -0.45
CA TYR F 43 -10.98 -52.56 -1.62
C TYR F 43 -11.93 -53.60 -2.21
N ARG F 44 -12.92 -53.11 -2.94
CA ARG F 44 -13.82 -53.92 -3.77
C ARG F 44 -13.73 -53.39 -5.19
N MET F 45 -13.74 -54.29 -6.16
CA MET F 45 -13.66 -53.91 -7.57
C MET F 45 -15.03 -53.48 -8.09
N SER F 46 -15.03 -52.40 -8.86
CA SER F 46 -16.25 -51.84 -9.44
C SER F 46 -16.92 -52.84 -10.38
N THR F 51 -11.57 -49.70 -8.30
CA THR F 51 -11.53 -50.05 -6.88
C THR F 51 -12.28 -49.04 -6.01
N ASP F 52 -12.96 -49.54 -4.99
CA ASP F 52 -13.68 -48.73 -4.02
C ASP F 52 -13.19 -49.08 -2.63
N LYS F 53 -12.69 -48.09 -1.89
CA LYS F 53 -12.13 -48.39 -0.56
C LYS F 53 -13.28 -48.70 0.39
N LEU F 54 -13.22 -49.87 1.05
CA LEU F 54 -14.20 -50.19 2.07
C LEU F 54 -13.86 -49.84 3.52
N ALA F 55 -12.58 -49.94 3.88
CA ALA F 55 -12.14 -49.78 5.27
C ALA F 55 -10.64 -49.61 5.24
N ALA F 56 -10.08 -49.19 6.37
CA ALA F 56 -8.64 -49.02 6.46
C ALA F 56 -8.15 -49.44 7.83
N PHE F 57 -6.84 -49.71 7.90
CA PHE F 57 -6.12 -49.85 9.16
C PHE F 57 -4.88 -48.98 9.05
N PRO F 58 -4.67 -48.03 9.95
CA PRO F 58 -5.56 -47.70 11.06
C PRO F 58 -6.89 -47.14 10.55
N GLU F 59 -7.93 -47.28 11.35
CA GLU F 59 -9.23 -46.87 10.85
C GLU F 59 -9.26 -45.37 10.65
N ASP F 60 -10.01 -44.96 9.65
CA ASP F 60 -10.23 -43.56 9.38
C ASP F 60 -11.00 -42.94 10.55
N ARG F 61 -10.91 -41.61 10.65
CA ARG F 61 -11.58 -40.91 11.71
C ARG F 61 -13.06 -41.28 11.78
N SER F 62 -13.51 -41.56 13.00
CA SER F 62 -14.91 -41.90 13.24
C SER F 62 -15.78 -40.65 13.16
N GLN F 63 -17.02 -40.86 12.73
CA GLN F 63 -18.00 -39.82 12.60
C GLN F 63 -19.28 -40.31 13.27
N PRO F 64 -19.87 -39.53 14.17
CA PRO F 64 -21.10 -39.99 14.84
C PRO F 64 -22.19 -40.27 13.82
N GLY F 65 -23.02 -41.25 14.15
CA GLY F 65 -24.12 -41.65 13.28
C GLY F 65 -23.71 -42.35 12.01
N GLN F 66 -22.42 -42.64 11.83
CA GLN F 66 -21.93 -43.35 10.65
C GLN F 66 -21.33 -44.67 11.14
N ASP F 67 -22.01 -45.76 10.84
CA ASP F 67 -21.55 -47.11 11.16
C ASP F 67 -21.19 -47.84 9.87
N SER F 68 -20.22 -48.75 9.96
CA SER F 68 -19.76 -49.49 8.79
C SER F 68 -19.81 -50.98 9.07
N ARG F 69 -20.17 -51.76 8.04
CA ARG F 69 -20.14 -53.20 8.16
C ARG F 69 -18.76 -53.79 7.90
N PHE F 70 -17.80 -52.97 7.47
CA PHE F 70 -16.46 -53.40 7.06
C PHE F 70 -15.43 -52.92 8.08
N ARG F 71 -14.52 -53.82 8.50
CA ARG F 71 -13.53 -53.45 9.50
C ARG F 71 -12.22 -54.14 9.17
N VAL F 72 -11.11 -53.45 9.45
CA VAL F 72 -9.78 -54.04 9.33
C VAL F 72 -9.14 -54.02 10.71
N THR F 73 -8.66 -55.20 11.15
CA THR F 73 -8.01 -55.32 12.45
C THR F 73 -6.66 -55.97 12.27
N GLN F 74 -5.74 -55.64 13.15
CA GLN F 74 -4.39 -56.18 13.12
C GLN F 74 -4.28 -57.28 14.16
N LEU F 75 -3.84 -58.45 13.73
CA LEU F 75 -3.67 -59.59 14.62
C LEU F 75 -2.39 -59.42 15.44
N PRO F 76 -2.30 -60.07 16.60
CA PRO F 76 -1.12 -59.85 17.45
C PRO F 76 0.22 -60.30 16.85
N ASN F 77 0.27 -61.11 15.79
CA ASN F 77 1.61 -61.36 15.25
C ASN F 77 2.12 -60.25 14.35
N GLY F 78 1.31 -59.23 14.12
CA GLY F 78 1.70 -57.95 13.54
C GLY F 78 1.73 -57.99 12.04
N ARG F 79 1.82 -59.19 11.45
CA ARG F 79 1.85 -59.41 10.01
C ARG F 79 0.47 -59.60 9.40
N ASP F 80 -0.44 -60.21 10.15
CA ASP F 80 -1.73 -60.58 9.61
C ASP F 80 -2.78 -59.57 10.01
N PHE F 81 -3.74 -59.36 9.12
CA PHE F 81 -4.85 -58.45 9.32
C PHE F 81 -6.12 -59.16 8.93
N HIS F 82 -7.19 -58.94 9.68
CA HIS F 82 -8.49 -59.51 9.33
C HIS F 82 -9.31 -58.43 8.67
N MET F 83 -9.86 -58.75 7.51
CA MET F 83 -10.77 -57.83 6.84
C MET F 83 -12.15 -58.50 6.92
N SER F 84 -13.00 -57.96 7.79
CA SER F 84 -14.25 -58.57 8.18
C SER F 84 -15.43 -57.75 7.69
N VAL F 85 -16.44 -58.45 7.20
CA VAL F 85 -17.71 -57.86 6.84
C VAL F 85 -18.79 -58.57 7.64
N VAL F 86 -19.72 -57.82 8.18
CA VAL F 86 -20.76 -58.40 9.01
C VAL F 86 -22.07 -58.19 8.27
N ARG F 87 -23.05 -59.07 8.56
CA ARG F 87 -24.36 -59.01 7.91
C ARG F 87 -24.24 -58.98 6.38
N ALA F 88 -23.46 -59.93 5.83
CA ALA F 88 -23.20 -59.99 4.40
C ALA F 88 -24.50 -60.03 3.60
N ARG F 89 -24.47 -59.35 2.45
CA ARG F 89 -25.61 -59.21 1.56
C ARG F 89 -25.28 -59.86 0.22
N ARG F 90 -26.34 -60.23 -0.50
CA ARG F 90 -26.21 -60.83 -1.82
C ARG F 90 -25.34 -59.95 -2.72
N ASN F 91 -25.60 -58.64 -2.74
CA ASN F 91 -24.83 -57.76 -3.61
C ASN F 91 -23.43 -57.49 -3.08
N ASP F 92 -23.03 -58.05 -1.92
CA ASP F 92 -21.61 -58.00 -1.54
C ASP F 92 -20.78 -58.97 -2.37
N SER F 93 -21.43 -59.92 -3.06
CA SER F 93 -20.67 -60.82 -3.92
C SER F 93 -19.86 -60.02 -4.93
N GLY F 94 -18.58 -60.35 -5.05
CA GLY F 94 -17.73 -59.64 -5.98
C GLY F 94 -16.27 -59.93 -5.74
N THR F 95 -15.44 -59.04 -6.26
CA THR F 95 -13.99 -59.16 -6.25
C THR F 95 -13.41 -58.17 -5.26
N TYR F 96 -12.45 -58.63 -4.44
CA TYR F 96 -11.88 -57.81 -3.38
C TYR F 96 -10.37 -57.97 -3.39
N LEU F 97 -9.69 -57.03 -2.73
CA LEU F 97 -8.24 -57.08 -2.60
C LEU F 97 -7.85 -56.15 -1.46
N CYS F 98 -6.62 -56.27 -1.01
CA CYS F 98 -6.10 -55.27 -0.08
C CYS F 98 -4.89 -54.60 -0.72
N GLY F 99 -4.65 -53.36 -0.32
CA GLY F 99 -3.43 -52.73 -0.79
C GLY F 99 -2.77 -51.94 0.31
N ALA F 100 -1.45 -51.93 0.32
CA ALA F 100 -0.66 -51.17 1.28
C ALA F 100 -0.26 -49.83 0.67
N ILE F 101 -0.60 -48.75 1.37
CA ILE F 101 -0.24 -47.40 0.93
C ILE F 101 0.96 -46.91 1.74
N SER F 102 1.96 -46.35 1.04
CA SER F 102 3.16 -45.85 1.69
C SER F 102 3.77 -44.76 0.82
N LEU F 103 4.80 -44.08 1.32
CA LEU F 103 5.47 -43.07 0.50
C LEU F 103 6.71 -43.69 -0.14
N ALA F 104 6.77 -43.57 -1.48
CA ALA F 104 7.75 -43.95 -2.51
C ALA F 104 9.13 -43.31 -2.63
N PRO F 105 9.28 -41.98 -2.43
CA PRO F 105 8.54 -40.98 -1.66
C PRO F 105 7.18 -40.50 -2.18
N LYS F 106 6.83 -40.70 -3.45
CA LYS F 106 5.48 -40.33 -3.87
C LYS F 106 4.49 -41.32 -3.27
N ALA F 107 3.22 -40.93 -3.21
CA ALA F 107 2.23 -41.87 -2.70
C ALA F 107 2.18 -43.11 -3.59
N GLN F 108 2.23 -44.29 -2.97
CA GLN F 108 2.33 -45.54 -3.72
C GLN F 108 1.44 -46.59 -3.09
N ILE F 109 0.96 -47.52 -3.92
CA ILE F 109 0.14 -48.63 -3.45
C ILE F 109 0.83 -49.91 -3.88
N LYS F 110 0.73 -50.93 -3.03
CA LYS F 110 1.15 -52.28 -3.38
C LYS F 110 -0.09 -53.13 -3.18
N GLU F 111 -0.65 -53.63 -4.28
CA GLU F 111 -1.91 -54.36 -4.29
C GLU F 111 -1.68 -55.87 -4.12
N SER F 112 -2.60 -56.51 -3.43
CA SER F 112 -2.58 -57.96 -3.33
C SER F 112 -3.24 -58.59 -4.56
N LEU F 113 -3.08 -59.89 -4.70
CA LEU F 113 -3.89 -60.56 -5.70
C LEU F 113 -5.36 -60.50 -5.26
N ARG F 114 -6.26 -60.62 -6.24
CA ARG F 114 -7.67 -60.46 -5.97
C ARG F 114 -8.24 -61.77 -5.39
N ALA F 115 -9.28 -61.63 -4.57
CA ALA F 115 -10.02 -62.75 -4.02
C ALA F 115 -11.50 -62.53 -4.27
N GLU F 116 -12.27 -63.61 -4.22
CA GLU F 116 -13.67 -63.56 -4.57
C GLU F 116 -14.53 -63.87 -3.35
N LEU F 117 -15.60 -63.09 -3.20
CA LEU F 117 -16.62 -63.35 -2.17
C LEU F 117 -17.92 -63.69 -2.86
N ARG F 118 -18.60 -64.73 -2.37
CA ARG F 118 -19.90 -65.12 -2.88
C ARG F 118 -20.84 -65.25 -1.68
N VAL F 119 -21.94 -64.50 -1.72
CA VAL F 119 -22.96 -64.51 -0.68
C VAL F 119 -24.23 -65.08 -1.29
N THR F 120 -24.70 -66.19 -0.73
CA THR F 120 -25.76 -67.07 -1.20
C THR F 120 -26.96 -66.95 -0.29
N GLU F 121 -28.12 -67.38 -0.76
CA GLU F 121 -29.37 -67.16 -0.06
C GLU F 121 -29.41 -68.01 1.21
N ARG F 122 -30.41 -67.71 2.04
CA ARG F 122 -30.84 -68.48 3.23
C ARG F 122 -30.34 -67.78 4.48
#